data_8POP
#
_entry.id   8POP
#
_cell.length_a   1.00
_cell.length_b   1.00
_cell.length_c   1.00
_cell.angle_alpha   90.00
_cell.angle_beta   90.00
_cell.angle_gamma   90.00
#
_symmetry.space_group_name_H-M   'P 1'
#
loop_
_entity.id
_entity.type
_entity.pdbx_description
1 polymer 'Terminase small subunit'
2 polymer 'DNA (31-MER)'
3 polymer 'DNA (31-MER)'
#
loop_
_entity_poly.entity_id
_entity_poly.type
_entity_poly.pdbx_seq_one_letter_code
_entity_poly.pdbx_strand_id
1 'polypeptide(L)'
;MADKRIRSDSSAAAVQAMKNAAVDTIDPPSHAGLEKKAEPFWHDNIRSKALDSWTPADLLAAVELANNQLYITVLRKDLR
KEERIRGEERDEGLIKDLRKQIVELQRTILAQRRDLQIHSHATNGESRDQKKRNQNDRDARNTKNEHQDQDDNLIAFPKH
G
;
A,B,C,D,E,F,G,H,I
2 'polydeoxyribonucleotide'
;(DT)(DA)(DA)(DA)(DA)(DC)(DT)(DA)(DA)(DA)(DA)(DA)(DA)(DA)(DT)(DC)(DG)(DG)(DG)(DT)
(DT)(DA)(DG)(DC)(DG)(DT)(DT)(DA)(DA)(DA)(DT)
;
J
3 'polydeoxyribonucleotide'
;(DA)(DT)(DT)(DT)(DA)(DA)(DC)(DG)(DC)(DT)(DA)(DA)(DC)(DC)(DC)(DG)(DA)(DT)(DT)(DT)
(DT)(DT)(DT)(DT)(DA)(DG)(DT)(DT)(DT)(DT)(DA)
;
K
#
# COMPACT_ATOMS: atom_id res chain seq x y z
N ASP A 3 -13.48 -37.71 -3.98
CA ASP A 3 -13.39 -36.35 -3.39
C ASP A 3 -13.76 -35.30 -4.44
N LYS A 4 -13.09 -35.36 -5.59
CA LYS A 4 -13.20 -34.35 -6.64
C LYS A 4 -14.68 -34.02 -6.90
N ARG A 5 -14.92 -32.75 -7.25
CA ARG A 5 -16.25 -32.28 -7.60
C ARG A 5 -16.74 -33.06 -8.82
N ILE A 6 -18.05 -33.19 -8.93
CA ILE A 6 -18.72 -33.80 -10.08
C ILE A 6 -18.39 -33.00 -11.35
N ARG A 7 -18.05 -33.72 -12.42
CA ARG A 7 -17.90 -33.09 -13.72
C ARG A 7 -19.20 -32.40 -14.13
N SER A 8 -19.07 -31.20 -14.65
CA SER A 8 -20.20 -30.46 -15.16
C SER A 8 -20.73 -31.07 -16.45
N ASP A 9 -20.05 -32.12 -16.94
CA ASP A 9 -20.56 -32.96 -17.99
C ASP A 9 -21.71 -33.83 -17.49
N SER A 10 -21.51 -34.40 -16.29
CA SER A 10 -22.32 -35.48 -15.75
C SER A 10 -23.81 -35.17 -15.87
N SER A 11 -24.61 -36.25 -15.85
CA SER A 11 -26.03 -36.18 -15.62
C SER A 11 -26.26 -35.64 -14.21
N ALA A 12 -25.53 -36.23 -13.26
CA ALA A 12 -25.60 -35.87 -11.86
C ALA A 12 -25.59 -34.35 -11.71
N ALA A 13 -24.68 -33.72 -12.44
CA ALA A 13 -24.52 -32.28 -12.40
C ALA A 13 -25.82 -31.60 -12.85
N ALA A 14 -26.40 -32.06 -13.95
CA ALA A 14 -27.59 -31.46 -14.52
C ALA A 14 -28.80 -31.65 -13.60
N VAL A 15 -28.76 -32.68 -12.74
CA VAL A 15 -29.83 -32.90 -11.78
C VAL A 15 -29.78 -31.77 -10.76
N GLN A 16 -28.62 -31.64 -10.10
CA GLN A 16 -28.38 -30.65 -9.06
C GLN A 16 -28.74 -29.26 -9.55
N ALA A 17 -28.42 -28.96 -10.81
CA ALA A 17 -28.80 -27.67 -11.36
C ALA A 17 -30.31 -27.46 -11.30
N MET A 18 -31.09 -28.47 -11.68
CA MET A 18 -32.56 -28.37 -11.74
C MET A 18 -33.14 -28.38 -10.34
N LYS A 19 -32.53 -29.18 -9.47
CA LYS A 19 -32.84 -29.18 -8.06
C LYS A 19 -32.60 -27.78 -7.49
N ASN A 20 -31.50 -27.15 -7.92
CA ASN A 20 -31.10 -25.83 -7.45
C ASN A 20 -32.15 -24.81 -7.80
N ALA A 21 -32.50 -24.68 -9.07
CA ALA A 21 -33.36 -23.61 -9.54
C ALA A 21 -34.78 -23.73 -8.99
N ALA A 22 -35.13 -24.90 -8.44
CA ALA A 22 -36.42 -25.11 -7.80
C ALA A 22 -36.50 -24.29 -6.50
N VAL A 23 -35.57 -24.56 -5.57
CA VAL A 23 -35.22 -23.63 -4.50
C VAL A 23 -34.70 -22.36 -5.17
N ASP A 24 -35.40 -21.24 -5.10
CA ASP A 24 -34.94 -20.10 -5.90
C ASP A 24 -33.82 -19.36 -5.17
N THR A 25 -34.00 -19.18 -3.85
CA THR A 25 -33.08 -18.38 -3.05
C THR A 25 -32.86 -19.05 -1.71
N ILE A 26 -32.01 -18.42 -0.90
CA ILE A 26 -31.77 -18.80 0.48
C ILE A 26 -32.33 -17.67 1.34
N ASP A 27 -32.60 -17.95 2.62
CA ASP A 27 -33.06 -16.91 3.53
C ASP A 27 -31.90 -16.46 4.42
N PRO A 28 -31.79 -15.14 4.71
CA PRO A 28 -30.63 -14.62 5.43
C PRO A 28 -30.64 -15.02 6.89
N PRO A 29 -29.46 -15.21 7.52
CA PRO A 29 -29.38 -15.50 8.96
C PRO A 29 -29.99 -14.37 9.79
N SER A 30 -30.77 -14.76 10.80
CA SER A 30 -31.48 -13.81 11.64
C SER A 30 -30.50 -12.98 12.47
N HIS A 31 -29.45 -13.63 12.99
CA HIS A 31 -28.53 -13.00 13.92
C HIS A 31 -27.63 -11.98 13.23
N ALA A 32 -27.47 -12.12 11.91
CA ALA A 32 -26.56 -11.30 11.15
C ALA A 32 -27.04 -9.85 11.09
N GLY A 33 -28.35 -9.65 11.00
CA GLY A 33 -28.95 -8.33 11.06
C GLY A 33 -28.96 -7.66 9.67
N LEU A 34 -29.62 -8.32 8.71
CA LEU A 34 -29.91 -7.72 7.43
C LEU A 34 -31.02 -6.67 7.60
N GLU A 35 -30.76 -5.45 7.13
CA GLU A 35 -31.74 -4.38 7.21
C GLU A 35 -32.90 -4.68 6.25
N LYS A 36 -34.10 -4.19 6.56
CA LYS A 36 -35.32 -4.61 5.86
C LYS A 36 -35.28 -4.20 4.39
N LYS A 37 -34.82 -2.98 4.13
CA LYS A 37 -34.80 -2.45 2.78
C LYS A 37 -33.64 -3.02 1.97
N ALA A 38 -32.84 -3.91 2.58
CA ALA A 38 -31.68 -4.48 1.93
C ALA A 38 -32.01 -5.80 1.24
N GLU A 39 -33.21 -6.33 1.50
CA GLU A 39 -33.58 -7.66 1.03
C GLU A 39 -33.48 -7.76 -0.49
N PRO A 40 -33.97 -6.76 -1.26
CA PRO A 40 -33.85 -6.78 -2.71
C PRO A 40 -32.41 -7.04 -3.17
N PHE A 41 -31.45 -6.40 -2.50
CA PHE A 41 -30.06 -6.57 -2.83
C PHE A 41 -29.58 -7.98 -2.50
N TRP A 42 -29.98 -8.48 -1.34
CA TRP A 42 -29.64 -9.83 -0.91
C TRP A 42 -30.05 -10.85 -1.96
N HIS A 43 -31.32 -10.78 -2.41
CA HIS A 43 -31.82 -11.73 -3.39
C HIS A 43 -31.02 -11.68 -4.68
N ASP A 44 -30.64 -10.48 -5.14
CA ASP A 44 -29.89 -10.37 -6.37
C ASP A 44 -28.53 -11.05 -6.23
N ASN A 45 -27.86 -10.87 -5.08
CA ASN A 45 -26.52 -11.40 -4.93
C ASN A 45 -26.58 -12.92 -4.91
N ILE A 46 -27.51 -13.50 -4.14
CA ILE A 46 -27.56 -14.94 -3.96
C ILE A 46 -27.82 -15.64 -5.30
N ARG A 47 -28.66 -15.03 -6.15
CA ARG A 47 -29.05 -15.68 -7.39
C ARG A 47 -27.90 -15.69 -8.39
N SER A 48 -26.75 -15.07 -8.07
CA SER A 48 -25.73 -14.86 -9.09
C SER A 48 -24.67 -15.95 -9.09
N LYS A 49 -24.93 -17.07 -8.44
CA LYS A 49 -23.93 -18.13 -8.28
C LYS A 49 -24.68 -19.36 -7.78
N ALA A 50 -24.15 -20.56 -8.04
CA ALA A 50 -24.94 -21.76 -7.87
C ALA A 50 -25.32 -21.98 -6.41
N LEU A 51 -26.60 -22.33 -6.15
CA LEU A 51 -27.11 -22.32 -4.78
C LEU A 51 -26.36 -23.29 -3.87
N ASP A 52 -25.94 -24.42 -4.44
CA ASP A 52 -25.22 -25.42 -3.66
C ASP A 52 -23.89 -24.85 -3.16
N SER A 53 -23.35 -23.85 -3.86
CA SER A 53 -22.00 -23.36 -3.60
C SER A 53 -21.94 -22.32 -2.47
N TRP A 54 -23.09 -21.92 -1.91
CA TRP A 54 -23.09 -21.04 -0.75
C TRP A 54 -22.87 -21.82 0.54
N THR A 55 -21.78 -21.55 1.27
CA THR A 55 -21.59 -22.09 2.62
C THR A 55 -22.23 -21.22 3.68
N PRO A 56 -22.37 -21.69 4.93
CA PRO A 56 -22.84 -20.82 6.01
C PRO A 56 -21.95 -19.62 6.27
N ALA A 57 -20.63 -19.78 6.05
CA ALA A 57 -19.73 -18.67 6.30
C ALA A 57 -19.96 -17.59 5.24
N ASP A 58 -20.19 -18.03 4.00
CA ASP A 58 -20.40 -17.10 2.92
C ASP A 58 -21.67 -16.30 3.17
N LEU A 59 -22.71 -16.93 3.74
CA LEU A 59 -23.98 -16.23 3.86
C LEU A 59 -23.85 -15.09 4.86
N LEU A 60 -23.10 -15.29 5.94
CA LEU A 60 -22.80 -14.19 6.87
C LEU A 60 -22.14 -13.04 6.12
N ALA A 61 -21.15 -13.36 5.30
CA ALA A 61 -20.41 -12.35 4.56
C ALA A 61 -21.33 -11.64 3.57
N ALA A 62 -22.31 -12.35 3.04
CA ALA A 62 -23.19 -11.77 2.04
C ALA A 62 -24.15 -10.76 2.68
N VAL A 63 -24.42 -10.90 3.99
CA VAL A 63 -25.24 -9.91 4.64
C VAL A 63 -24.51 -8.57 4.68
N GLU A 64 -23.22 -8.60 5.00
CA GLU A 64 -22.43 -7.36 5.04
C GLU A 64 -22.38 -6.68 3.67
N LEU A 65 -22.39 -7.48 2.60
CA LEU A 65 -22.33 -6.92 1.26
C LEU A 65 -23.65 -6.20 0.97
N ALA A 66 -24.77 -6.81 1.34
CA ALA A 66 -26.08 -6.28 1.02
C ALA A 66 -26.34 -4.99 1.79
N ASN A 67 -25.97 -5.01 3.06
CA ASN A 67 -26.12 -3.81 3.88
C ASN A 67 -25.33 -2.65 3.26
N ASN A 68 -24.12 -2.91 2.76
CA ASN A 68 -23.31 -1.85 2.20
C ASN A 68 -23.91 -1.34 0.90
N GLN A 69 -24.45 -2.23 0.06
CA GLN A 69 -25.03 -1.78 -1.20
C GLN A 69 -26.25 -0.90 -0.92
N LEU A 70 -26.97 -1.17 0.16
CA LEU A 70 -28.08 -0.32 0.53
C LEU A 70 -27.55 1.03 1.01
N TYR A 71 -26.55 0.99 1.88
CA TYR A 71 -26.12 2.18 2.59
C TYR A 71 -25.58 3.24 1.62
N ILE A 72 -25.08 2.84 0.45
CA ILE A 72 -24.62 3.81 -0.53
C ILE A 72 -25.79 4.69 -0.97
N THR A 73 -26.95 4.09 -1.18
CA THR A 73 -28.09 4.86 -1.65
C THR A 73 -28.50 5.90 -0.62
N VAL A 74 -28.36 5.55 0.66
CA VAL A 74 -28.71 6.45 1.75
C VAL A 74 -27.76 7.64 1.79
N LEU A 75 -26.45 7.40 1.72
CA LEU A 75 -25.47 8.48 1.78
C LEU A 75 -25.62 9.38 0.57
N ARG A 76 -25.90 8.81 -0.60
CA ARG A 76 -25.98 9.63 -1.79
C ARG A 76 -27.14 10.62 -1.65
N LYS A 77 -28.25 10.18 -1.05
CA LYS A 77 -29.38 11.08 -0.80
C LYS A 77 -28.94 12.22 0.11
N ASP A 78 -28.22 11.90 1.18
CA ASP A 78 -27.73 12.90 2.11
C ASP A 78 -26.87 13.94 1.37
N LEU A 79 -26.04 13.48 0.44
CA LEU A 79 -25.10 14.36 -0.22
C LEU A 79 -25.84 15.33 -1.12
N ARG A 80 -26.85 14.84 -1.86
CA ARG A 80 -27.57 15.68 -2.81
C ARG A 80 -28.29 16.82 -2.08
N LYS A 81 -28.76 16.55 -0.86
CA LYS A 81 -29.38 17.57 -0.02
C LYS A 81 -28.38 18.69 0.26
N GLU A 82 -27.19 18.33 0.74
CA GLU A 82 -26.22 19.32 1.17
C GLU A 82 -25.71 20.15 -0.01
N GLU A 83 -25.72 19.56 -1.21
CA GLU A 83 -25.17 20.24 -2.36
C GLU A 83 -26.14 21.32 -2.85
N ARG A 84 -27.41 21.23 -2.46
CA ARG A 84 -28.42 22.19 -2.90
C ARG A 84 -28.30 23.47 -2.08
N ILE A 85 -27.96 23.34 -0.80
CA ILE A 85 -27.81 24.47 0.09
C ILE A 85 -26.70 25.38 -0.43
N ARG A 86 -26.97 26.70 -0.43
CA ARG A 86 -26.00 27.69 -0.88
C ARG A 86 -26.07 28.91 0.03
N GLY A 87 -24.93 29.62 0.16
CA GLY A 87 -24.80 30.75 1.05
C GLY A 87 -23.91 30.44 2.25
N GLU A 88 -24.26 31.00 3.41
CA GLU A 88 -23.49 30.83 4.63
C GLU A 88 -23.78 29.45 5.24
N GLU A 89 -24.96 28.90 4.94
CA GLU A 89 -25.40 27.66 5.56
C GLU A 89 -24.64 26.46 4.99
N ARG A 90 -24.09 26.61 3.77
CA ARG A 90 -23.45 25.53 3.06
C ARG A 90 -22.22 25.03 3.83
N ASP A 91 -22.22 23.71 4.13
CA ASP A 91 -21.16 23.08 4.88
C ASP A 91 -20.25 22.31 3.92
N GLU A 92 -19.13 22.92 3.52
CA GLU A 92 -18.23 22.32 2.56
C GLU A 92 -17.45 21.17 3.19
N GLY A 93 -17.26 21.22 4.51
CA GLY A 93 -16.60 20.16 5.24
C GLY A 93 -17.40 18.85 5.23
N LEU A 94 -18.71 18.96 5.40
CA LEU A 94 -19.58 17.81 5.37
C LEU A 94 -19.69 17.28 3.95
N ILE A 95 -19.71 18.19 2.97
CA ILE A 95 -19.79 17.76 1.59
C ILE A 95 -18.57 16.93 1.26
N LYS A 96 -17.40 17.39 1.72
CA LYS A 96 -16.15 16.69 1.43
C LYS A 96 -16.18 15.28 2.05
N ASP A 97 -16.74 15.17 3.26
CA ASP A 97 -16.74 13.91 3.98
C ASP A 97 -17.69 12.91 3.31
N LEU A 98 -18.88 13.37 2.93
CA LEU A 98 -19.84 12.48 2.30
C LEU A 98 -19.28 11.94 0.99
N ARG A 99 -18.55 12.79 0.24
CA ARG A 99 -17.99 12.36 -1.01
C ARG A 99 -16.98 11.25 -0.77
N LYS A 100 -16.14 11.38 0.27
CA LYS A 100 -15.12 10.37 0.54
C LYS A 100 -15.74 9.08 1.04
N GLN A 101 -16.74 9.17 1.92
CA GLN A 101 -17.36 7.97 2.46
C GLN A 101 -17.95 7.13 1.33
N ILE A 102 -18.44 7.78 0.26
CA ILE A 102 -19.09 7.04 -0.79
C ILE A 102 -18.05 6.27 -1.60
N VAL A 103 -16.88 6.85 -1.81
CA VAL A 103 -15.84 6.13 -2.56
C VAL A 103 -15.29 4.95 -1.74
N GLU A 104 -15.08 5.14 -0.43
CA GLU A 104 -14.60 4.07 0.42
C GLU A 104 -15.57 2.89 0.37
N LEU A 105 -16.88 3.13 0.48
CA LEU A 105 -17.83 2.03 0.41
C LEU A 105 -17.70 1.31 -0.93
N GLN A 106 -17.64 2.08 -2.02
CA GLN A 106 -17.63 1.49 -3.33
C GLN A 106 -16.45 0.52 -3.46
N ARG A 107 -15.28 0.93 -2.98
CA ARG A 107 -14.10 0.09 -3.12
C ARG A 107 -14.20 -1.16 -2.23
N THR A 108 -14.79 -1.02 -1.05
CA THR A 108 -15.00 -2.16 -0.17
C THR A 108 -15.93 -3.17 -0.83
N ILE A 109 -16.97 -2.68 -1.51
CA ILE A 109 -17.91 -3.57 -2.16
C ILE A 109 -17.21 -4.42 -3.22
N LEU A 110 -16.27 -3.84 -3.99
CA LEU A 110 -15.56 -4.62 -4.97
C LEU A 110 -14.79 -5.75 -4.30
N ALA A 111 -14.15 -5.49 -3.16
CA ALA A 111 -13.40 -6.52 -2.47
C ALA A 111 -14.34 -7.63 -1.98
N GLN A 112 -15.50 -7.24 -1.42
CA GLN A 112 -16.44 -8.20 -0.89
C GLN A 112 -16.90 -9.13 -2.02
N ARG A 113 -17.24 -8.56 -3.19
CA ARG A 113 -17.73 -9.38 -4.28
C ARG A 113 -16.67 -10.42 -4.65
N ARG A 114 -15.41 -10.01 -4.78
CA ARG A 114 -14.33 -10.91 -5.18
C ARG A 114 -14.18 -12.05 -4.18
N ASP A 115 -14.33 -11.75 -2.90
CA ASP A 115 -14.17 -12.73 -1.84
C ASP A 115 -15.23 -13.81 -1.93
N LEU A 116 -16.43 -13.47 -2.41
CA LEU A 116 -17.52 -14.45 -2.50
C LEU A 116 -17.54 -15.11 -3.89
N GLN A 117 -16.64 -14.74 -4.75
CA GLN A 117 -16.62 -15.27 -6.11
C GLN A 117 -17.94 -14.99 -6.80
N ILE A 118 -18.47 -13.77 -6.69
CA ILE A 118 -19.56 -13.38 -7.58
C ILE A 118 -19.12 -12.22 -8.46
N HIS A 119 -17.80 -12.01 -8.59
CA HIS A 119 -17.29 -11.05 -9.56
C HIS A 119 -17.29 -11.69 -10.94
N SER A 120 -17.24 -10.83 -11.96
CA SER A 120 -17.53 -11.28 -13.32
C SER A 120 -16.58 -12.37 -13.78
N HIS A 121 -15.31 -12.31 -13.39
CA HIS A 121 -14.33 -13.29 -13.84
C HIS A 121 -14.77 -14.71 -13.45
N ALA A 122 -15.38 -14.85 -12.28
CA ALA A 122 -15.76 -16.16 -11.78
C ALA A 122 -17.11 -16.61 -12.38
N THR A 123 -17.91 -15.65 -12.86
CA THR A 123 -19.28 -15.95 -13.28
C THR A 123 -19.49 -15.88 -14.79
N ASN A 124 -18.49 -15.87 -15.69
CA ASN A 124 -18.80 -15.51 -17.06
C ASN A 124 -18.05 -16.38 -18.09
N ASP B 24 -23.03 -31.90 13.58
CA ASP B 24 -22.03 -31.80 14.68
C ASP B 24 -21.27 -30.47 14.57
N THR B 25 -20.79 -30.01 15.73
CA THR B 25 -19.96 -28.81 15.82
C THR B 25 -18.85 -29.04 16.85
N ILE B 26 -18.02 -28.01 17.05
CA ILE B 26 -17.01 -27.99 18.09
C ILE B 26 -17.43 -26.96 19.13
N ASP B 27 -16.90 -27.06 20.36
CA ASP B 27 -17.18 -26.06 21.38
C ASP B 27 -15.98 -25.12 21.50
N PRO B 28 -16.23 -23.81 21.72
CA PRO B 28 -15.16 -22.82 21.72
C PRO B 28 -14.28 -22.91 22.95
N PRO B 29 -12.97 -22.60 22.84
CA PRO B 29 -12.08 -22.59 23.99
C PRO B 29 -12.54 -21.61 25.08
N SER B 30 -12.46 -22.06 26.33
CA SER B 30 -12.94 -21.29 27.46
C SER B 30 -12.11 -20.03 27.66
N HIS B 31 -10.78 -20.15 27.51
CA HIS B 31 -9.86 -19.06 27.83
C HIS B 31 -9.93 -17.95 26.79
N ALA B 32 -10.41 -18.28 25.59
CA ALA B 32 -10.42 -17.35 24.48
C ALA B 32 -11.39 -16.20 24.71
N GLY B 33 -12.55 -16.50 25.34
CA GLY B 33 -13.52 -15.48 25.66
C GLY B 33 -14.44 -15.11 24.50
N LEU B 34 -15.17 -16.11 23.99
CA LEU B 34 -16.26 -15.89 23.05
C LEU B 34 -17.45 -15.26 23.78
N GLU B 35 -17.93 -14.11 23.27
CA GLU B 35 -19.06 -13.42 23.86
C GLU B 35 -20.33 -14.24 23.62
N LYS B 36 -21.31 -14.11 24.53
CA LYS B 36 -22.45 -15.04 24.57
C LYS B 36 -23.29 -14.93 23.31
N LYS B 37 -23.54 -13.70 22.85
CA LYS B 37 -24.39 -13.48 21.70
C LYS B 37 -23.65 -13.78 20.40
N ALA B 38 -22.40 -14.23 20.49
CA ALA B 38 -21.58 -14.50 19.31
C ALA B 38 -21.69 -15.96 18.89
N GLU B 39 -22.33 -16.79 19.73
CA GLU B 39 -22.38 -18.22 19.49
C GLU B 39 -22.99 -18.56 18.13
N PRO B 40 -24.12 -17.92 17.73
CA PRO B 40 -24.70 -18.16 16.40
C PRO B 40 -23.67 -18.03 15.27
N PHE B 41 -22.82 -17.01 15.38
CA PHE B 41 -21.78 -16.77 14.39
C PHE B 41 -20.73 -17.87 14.43
N TRP B 42 -20.32 -18.25 15.64
CA TRP B 42 -19.33 -19.29 15.81
C TRP B 42 -19.78 -20.58 15.12
N HIS B 43 -21.02 -21.00 15.37
CA HIS B 43 -21.54 -22.22 14.77
C HIS B 43 -21.51 -22.15 13.25
N ASP B 44 -21.87 -21.00 12.66
CA ASP B 44 -21.88 -20.88 11.21
C ASP B 44 -20.47 -21.02 10.66
N ASN B 45 -19.47 -20.43 11.32
CA ASN B 45 -18.11 -20.47 10.79
C ASN B 45 -17.58 -21.89 10.84
N ILE B 46 -17.77 -22.60 11.95
CA ILE B 46 -17.20 -23.92 12.10
C ILE B 46 -17.79 -24.88 11.08
N ARG B 47 -19.07 -24.72 10.75
CA ARG B 47 -19.73 -25.63 9.82
C ARG B 47 -19.24 -25.44 8.40
N SER B 48 -18.38 -24.46 8.14
CA SER B 48 -18.06 -24.10 6.77
C SER B 48 -16.81 -24.80 6.24
N LYS B 49 -16.36 -25.85 6.94
CA LYS B 49 -15.11 -26.53 6.62
C LYS B 49 -15.05 -27.80 7.44
N ALA B 50 -14.34 -28.83 6.96
CA ALA B 50 -14.44 -30.16 7.55
C ALA B 50 -13.96 -30.16 8.99
N LEU B 51 -14.73 -30.82 9.89
CA LEU B 51 -14.45 -30.75 11.32
C LEU B 51 -13.05 -31.26 11.67
N ASP B 52 -12.57 -32.28 10.95
CA ASP B 52 -11.25 -32.83 11.21
C ASP B 52 -10.18 -31.75 10.99
N SER B 53 -10.47 -30.80 10.11
CA SER B 53 -9.45 -29.87 9.62
C SER B 53 -9.26 -28.66 10.54
N TRP B 54 -10.04 -28.55 11.63
CA TRP B 54 -9.82 -27.52 12.62
C TRP B 54 -8.72 -27.93 13.61
N THR B 55 -7.61 -27.20 13.65
CA THR B 55 -6.57 -27.38 14.67
C THR B 55 -6.88 -26.56 15.91
N PRO B 56 -6.18 -26.78 17.03
CA PRO B 56 -6.34 -25.90 18.20
C PRO B 56 -5.97 -24.45 17.93
N ALA B 57 -5.01 -24.21 17.03
CA ALA B 57 -4.62 -22.84 16.76
C ALA B 57 -5.74 -22.15 15.99
N ASP B 58 -6.36 -22.89 15.07
CA ASP B 58 -7.43 -22.32 14.26
C ASP B 58 -8.60 -21.96 15.16
N LEU B 59 -8.88 -22.75 16.19
CA LEU B 59 -10.07 -22.49 16.99
C LEU B 59 -9.92 -21.18 17.75
N LEU B 60 -8.72 -20.89 18.25
CA LEU B 60 -8.45 -19.60 18.87
C LEU B 60 -8.76 -18.48 17.88
N ALA B 61 -8.27 -18.63 16.66
CA ALA B 61 -8.45 -17.61 15.64
C ALA B 61 -9.93 -17.44 15.29
N ALA B 62 -10.69 -18.53 15.38
CA ALA B 62 -12.09 -18.48 15.02
C ALA B 62 -12.91 -17.72 16.06
N VAL B 63 -12.43 -17.67 17.30
CA VAL B 63 -13.11 -16.87 18.30
C VAL B 63 -13.03 -15.38 17.92
N GLU B 64 -11.84 -14.93 17.51
CA GLU B 64 -11.66 -13.54 17.15
C GLU B 64 -12.55 -13.14 15.97
N LEU B 65 -12.77 -14.09 15.06
CA LEU B 65 -13.58 -13.81 13.89
C LEU B 65 -15.03 -13.61 14.31
N ALA B 66 -15.52 -14.49 15.20
CA ALA B 66 -16.91 -14.48 15.59
C ALA B 66 -17.22 -13.23 16.40
N ASN B 67 -16.32 -12.88 17.31
CA ASN B 67 -16.49 -11.67 18.10
C ASN B 67 -16.62 -10.46 17.17
N ASN B 68 -15.80 -10.38 16.12
CA ASN B 68 -15.86 -9.24 15.22
C ASN B 68 -17.17 -9.23 14.43
N GLN B 69 -17.65 -10.38 13.98
CA GLN B 69 -18.88 -10.42 13.22
C GLN B 69 -20.04 -9.96 14.10
N LEU B 70 -19.97 -10.24 15.39
CA LEU B 70 -20.98 -9.73 16.30
C LEU B 70 -20.85 -8.22 16.45
N TYR B 71 -19.62 -7.76 16.66
CA TYR B 71 -19.39 -6.38 17.02
C TYR B 71 -19.84 -5.42 15.92
N ILE B 72 -19.87 -5.85 14.67
CA ILE B 72 -20.36 -5.01 13.60
C ILE B 72 -21.83 -4.66 13.85
N THR B 73 -22.61 -5.65 14.28
CA THR B 73 -24.04 -5.40 14.49
C THR B 73 -24.24 -4.37 15.60
N VAL B 74 -23.36 -4.41 16.61
CA VAL B 74 -23.43 -3.48 17.72
C VAL B 74 -23.12 -2.05 17.27
N LEU B 75 -22.04 -1.85 16.49
CA LEU B 75 -21.69 -0.53 16.03
C LEU B 75 -22.75 0.02 15.11
N ARG B 76 -23.34 -0.84 14.27
CA ARG B 76 -24.31 -0.33 13.31
C ARG B 76 -25.52 0.21 14.09
N LYS B 77 -25.91 -0.44 15.19
CA LYS B 77 -26.99 0.05 16.02
C LYS B 77 -26.64 1.43 16.58
N ASP B 78 -25.41 1.59 17.08
CA ASP B 78 -24.96 2.86 17.61
C ASP B 78 -25.07 3.95 16.55
N LEU B 79 -24.73 3.63 15.31
CA LEU B 79 -24.70 4.63 14.26
C LEU B 79 -26.10 5.09 13.92
N ARG B 80 -27.05 4.14 13.84
CA ARG B 80 -28.42 4.48 13.44
C ARG B 80 -29.05 5.41 14.49
N LYS B 81 -28.69 5.25 15.76
CA LYS B 81 -29.14 6.13 16.82
C LYS B 81 -28.70 7.55 16.53
N GLU B 82 -27.40 7.75 16.29
CA GLU B 82 -26.85 9.08 16.14
C GLU B 82 -27.40 9.76 14.89
N GLU B 83 -27.75 8.98 13.88
CA GLU B 83 -28.21 9.55 12.62
C GLU B 83 -29.63 10.09 12.75
N ARG B 84 -30.37 9.65 13.78
CA ARG B 84 -31.74 10.08 13.99
C ARG B 84 -31.76 11.47 14.63
N ILE B 85 -30.78 11.74 15.50
CA ILE B 85 -30.68 13.01 16.18
C ILE B 85 -30.46 14.12 15.15
N ARG B 86 -31.19 15.23 15.30
CA ARG B 86 -31.07 16.38 14.42
C ARG B 86 -31.16 17.67 15.23
N GLY B 87 -30.49 18.71 14.74
CA GLY B 87 -30.38 19.98 15.46
C GLY B 87 -28.98 20.22 15.98
N GLU B 88 -28.88 20.85 17.16
CA GLU B 88 -27.59 21.20 17.74
C GLU B 88 -26.95 19.97 18.38
N GLU B 89 -27.77 19.00 18.77
CA GLU B 89 -27.29 17.84 19.50
C GLU B 89 -26.53 16.89 18.58
N ARG B 90 -26.79 16.97 17.27
CA ARG B 90 -26.23 16.05 16.29
C ARG B 90 -24.71 16.15 16.26
N ASP B 91 -24.03 15.01 16.49
CA ASP B 91 -22.58 14.94 16.52
C ASP B 91 -22.07 14.36 15.22
N GLU B 92 -21.65 15.23 14.31
CA GLU B 92 -21.24 14.83 12.97
C GLU B 92 -19.87 14.14 13.05
N GLY B 93 -19.06 14.53 14.06
CA GLY B 93 -17.76 13.94 14.26
C GLY B 93 -17.85 12.46 14.66
N LEU B 94 -18.80 12.14 15.54
CA LEU B 94 -19.00 10.78 15.97
C LEU B 94 -19.58 9.96 14.82
N ILE B 95 -20.47 10.57 14.05
CA ILE B 95 -21.07 9.87 12.93
C ILE B 95 -19.96 9.47 11.95
N LYS B 96 -19.03 10.40 11.69
CA LYS B 96 -17.95 10.14 10.76
C LYS B 96 -17.08 8.98 11.27
N ASP B 97 -16.82 8.94 12.58
CA ASP B 97 -15.94 7.95 13.15
C ASP B 97 -16.58 6.56 13.08
N LEU B 98 -17.86 6.48 13.44
CA LEU B 98 -18.53 5.18 13.43
C LEU B 98 -18.54 4.62 12.02
N ARG B 99 -18.72 5.47 11.02
CA ARG B 99 -18.76 5.00 9.64
C ARG B 99 -17.40 4.41 9.27
N LYS B 100 -16.30 5.05 9.68
CA LYS B 100 -14.97 4.54 9.37
C LYS B 100 -14.66 3.22 10.11
N GLN B 101 -15.02 3.16 11.39
CA GLN B 101 -14.75 1.97 12.16
C GLN B 101 -15.47 0.76 11.55
N ILE B 102 -16.62 0.98 10.92
CA ILE B 102 -17.38 -0.13 10.37
C ILE B 102 -16.67 -0.69 9.15
N VAL B 103 -16.06 0.18 8.33
CA VAL B 103 -15.36 -0.31 7.16
C VAL B 103 -14.07 -1.05 7.57
N GLU B 104 -13.35 -0.53 8.56
CA GLU B 104 -12.15 -1.20 9.05
C GLU B 104 -12.48 -2.61 9.53
N LEU B 105 -13.55 -2.78 10.32
CA LEU B 105 -13.91 -4.12 10.77
C LEU B 105 -14.18 -5.02 9.58
N GLN B 106 -14.96 -4.53 8.62
CA GLN B 106 -15.35 -5.35 7.50
C GLN B 106 -14.11 -5.88 6.79
N ARG B 107 -13.10 -5.02 6.57
CA ARG B 107 -11.91 -5.45 5.85
C ARG B 107 -11.11 -6.46 6.69
N THR B 108 -11.06 -6.27 8.00
CA THR B 108 -10.36 -7.20 8.87
C THR B 108 -11.02 -8.56 8.82
N ILE B 109 -12.36 -8.61 8.77
CA ILE B 109 -13.06 -9.86 8.72
C ILE B 109 -12.69 -10.64 7.46
N LEU B 110 -12.54 -9.96 6.31
CA LEU B 110 -12.11 -10.64 5.10
C LEU B 110 -10.73 -11.29 5.30
N ALA B 111 -9.81 -10.61 5.96
CA ALA B 111 -8.49 -11.17 6.22
C ALA B 111 -8.59 -12.39 7.12
N GLN B 112 -9.42 -12.31 8.16
CA GLN B 112 -9.57 -13.41 9.09
C GLN B 112 -10.10 -14.63 8.36
N ARG B 113 -11.11 -14.44 7.51
CA ARG B 113 -11.69 -15.56 6.78
C ARG B 113 -10.62 -16.25 5.95
N ARG B 114 -9.81 -15.46 5.23
CA ARG B 114 -8.76 -15.98 4.37
C ARG B 114 -7.77 -16.80 5.16
N ASP B 115 -7.45 -16.36 6.37
CA ASP B 115 -6.47 -17.00 7.22
C ASP B 115 -6.94 -18.38 7.65
N LEU B 116 -8.25 -18.57 7.79
CA LEU B 116 -8.79 -19.86 8.21
C LEU B 116 -9.15 -20.73 7.02
N GLN B 117 -8.97 -20.22 5.81
CA GLN B 117 -9.36 -20.92 4.61
C GLN B 117 -10.84 -21.27 4.67
N ILE B 118 -11.71 -20.35 5.07
CA ILE B 118 -13.14 -20.58 4.92
C ILE B 118 -13.74 -19.55 3.98
N HIS B 119 -12.89 -18.84 3.23
CA HIS B 119 -13.43 -17.96 2.19
C HIS B 119 -13.75 -18.81 0.96
N SER B 120 -14.56 -18.26 0.07
CA SER B 120 -15.12 -18.98 -1.04
C SER B 120 -14.05 -19.64 -1.91
N HIS B 121 -12.97 -18.95 -2.17
CA HIS B 121 -11.94 -19.45 -3.07
C HIS B 121 -11.40 -20.79 -2.56
N ALA B 122 -11.28 -20.93 -1.25
CA ALA B 122 -10.68 -22.11 -0.66
C ALA B 122 -11.70 -23.22 -0.51
N THR B 123 -13.00 -22.90 -0.53
CA THR B 123 -14.03 -23.89 -0.32
C THR B 123 -14.73 -24.25 -1.62
N ASN B 124 -14.27 -23.64 -2.72
CA ASN B 124 -14.75 -23.95 -4.07
C ASN B 124 -13.62 -23.95 -5.11
N GLY B 125 -12.48 -23.31 -4.86
CA GLY B 125 -11.34 -23.36 -5.77
C GLY B 125 -11.07 -22.11 -6.63
N GLU B 126 -10.18 -22.22 -7.60
CA GLU B 126 -9.89 -21.11 -8.50
C GLU B 126 -11.12 -20.63 -9.26
N SER B 127 -11.25 -19.30 -9.26
CA SER B 127 -12.28 -18.62 -9.99
C SER B 127 -12.54 -19.31 -11.34
N ARG B 128 -11.50 -19.55 -12.14
CA ARG B 128 -11.72 -20.02 -13.51
C ARG B 128 -12.36 -21.40 -13.49
N ASP B 129 -12.27 -22.09 -12.37
CA ASP B 129 -12.85 -23.41 -12.28
C ASP B 129 -14.26 -23.34 -11.70
N GLN B 130 -14.87 -22.17 -11.74
CA GLN B 130 -16.23 -22.05 -11.30
C GLN B 130 -17.06 -21.65 -12.49
N LYS B 131 -16.44 -21.48 -13.65
CA LYS B 131 -17.19 -20.88 -14.73
C LYS B 131 -18.38 -21.77 -15.10
N LYS B 132 -18.12 -23.05 -15.40
CA LYS B 132 -19.12 -23.94 -15.99
C LYS B 132 -20.24 -24.25 -14.99
N ARG B 133 -19.84 -24.72 -13.82
CA ARG B 133 -20.76 -24.97 -12.73
C ARG B 133 -21.87 -23.93 -12.78
N ASN B 134 -21.48 -22.67 -12.83
CA ASN B 134 -22.43 -21.60 -12.76
C ASN B 134 -23.29 -21.55 -14.01
N GLN B 135 -22.69 -21.79 -15.17
CA GLN B 135 -23.40 -21.73 -16.44
C GLN B 135 -24.60 -22.64 -16.40
N ASN B 136 -24.37 -23.88 -15.94
CA ASN B 136 -25.39 -24.91 -15.88
C ASN B 136 -26.57 -24.44 -15.03
N ASP B 137 -26.27 -23.71 -13.96
CA ASP B 137 -27.32 -23.19 -13.11
C ASP B 137 -28.11 -22.13 -13.85
N ARG B 138 -27.41 -21.20 -14.49
CA ARG B 138 -28.11 -20.20 -15.29
C ARG B 138 -29.05 -20.90 -16.28
N ASP B 139 -28.60 -22.03 -16.84
CA ASP B 139 -29.37 -22.73 -17.86
C ASP B 139 -30.63 -23.31 -17.24
N ALA B 140 -30.46 -24.18 -16.23
CA ALA B 140 -31.58 -24.67 -15.43
C ALA B 140 -32.59 -23.56 -15.18
N ARG B 141 -32.12 -22.42 -14.66
CA ARG B 141 -32.98 -21.31 -14.30
C ARG B 141 -33.79 -20.76 -15.48
N ASN B 142 -33.46 -21.11 -16.72
CA ASN B 142 -34.25 -20.62 -17.84
C ASN B 142 -35.31 -21.67 -18.17
N THR B 143 -34.88 -22.93 -18.25
CA THR B 143 -35.79 -24.03 -18.53
C THR B 143 -37.02 -23.94 -17.63
N LYS B 144 -36.80 -23.52 -16.38
CA LYS B 144 -37.88 -23.34 -15.42
C LYS B 144 -38.86 -22.30 -15.93
N ASN B 145 -38.37 -21.08 -16.18
CA ASN B 145 -39.20 -19.96 -16.60
C ASN B 145 -39.76 -20.24 -18.01
N ASP C 24 4.26 -34.39 25.04
CA ASP C 24 3.00 -33.81 24.49
C ASP C 24 3.25 -32.39 23.99
N THR C 25 4.02 -31.62 24.76
CA THR C 25 4.29 -30.23 24.47
C THR C 25 5.74 -29.90 24.76
N ILE C 26 6.10 -28.64 24.49
CA ILE C 26 7.40 -28.08 24.80
C ILE C 26 7.21 -27.05 25.91
N ASP C 27 8.29 -26.71 26.63
CA ASP C 27 8.21 -25.67 27.65
C ASP C 27 8.82 -24.38 27.10
N PRO C 28 8.23 -23.21 27.40
CA PRO C 28 8.66 -21.96 26.79
C PRO C 28 10.01 -21.50 27.30
N PRO C 29 10.82 -20.81 26.46
CA PRO C 29 12.10 -20.25 26.90
C PRO C 29 11.94 -19.25 28.04
N SER C 30 12.82 -19.35 29.04
CA SER C 30 12.74 -18.54 30.24
C SER C 30 12.99 -17.07 29.92
N HIS C 31 13.97 -16.81 29.06
CA HIS C 31 14.42 -15.45 28.78
C HIS C 31 13.41 -14.67 27.95
N ALA C 32 12.54 -15.39 27.24
CA ALA C 32 11.59 -14.78 26.32
C ALA C 32 10.52 -13.98 27.07
N GLY C 33 10.10 -14.48 28.24
CA GLY C 33 9.14 -13.77 29.08
C GLY C 33 7.69 -14.01 28.66
N LEU C 34 7.26 -15.27 28.68
CA LEU C 34 5.86 -15.62 28.51
C LEU C 34 5.09 -15.27 29.79
N GLU C 35 4.02 -14.48 29.66
CA GLU C 35 3.21 -14.08 30.79
C GLU C 35 2.41 -15.27 31.29
N LYS C 36 2.09 -15.30 32.58
CA LYS C 36 1.62 -16.51 33.24
C LYS C 36 0.28 -16.96 32.69
N LYS C 37 -0.63 -16.00 32.47
CA LYS C 37 -1.97 -16.34 32.00
C LYS C 37 -1.98 -16.62 30.51
N ALA C 38 -0.81 -16.60 29.87
CA ALA C 38 -0.72 -16.84 28.44
C ALA C 38 -0.45 -18.33 28.14
N GLU C 39 -0.18 -19.12 29.18
CA GLU C 39 0.21 -20.50 29.01
C GLU C 39 -0.84 -21.30 28.25
N PRO C 40 -2.15 -21.17 28.56
CA PRO C 40 -3.19 -21.85 27.79
C PRO C 40 -3.05 -21.65 26.28
N PHE C 41 -2.73 -20.41 25.90
CA PHE C 41 -2.56 -20.07 24.49
C PHE C 41 -1.31 -20.74 23.92
N TRP C 42 -0.22 -20.70 24.69
CA TRP C 42 1.03 -21.32 24.28
C TRP C 42 0.83 -22.79 23.95
N HIS C 43 0.16 -23.52 24.85
CA HIS C 43 -0.07 -24.94 24.64
C HIS C 43 -0.86 -25.19 23.37
N ASP C 44 -1.89 -24.37 23.10
CA ASP C 44 -2.69 -24.57 21.92
C ASP C 44 -1.86 -24.38 20.65
N ASN C 45 -0.98 -23.37 20.64
CA ASN C 45 -0.23 -23.08 19.43
C ASN C 45 0.76 -24.21 19.16
N ILE C 46 1.48 -24.68 20.18
CA ILE C 46 2.52 -25.67 19.97
C ILE C 46 1.90 -26.97 19.46
N ARG C 47 0.70 -27.32 19.94
CA ARG C 47 0.08 -28.58 19.57
C ARG C 47 -0.37 -28.58 18.12
N SER C 48 -0.26 -27.45 17.41
CA SER C 48 -0.88 -27.35 16.10
C SER C 48 0.06 -27.71 14.96
N LYS C 49 1.19 -28.35 15.27
CA LYS C 49 2.25 -28.57 14.30
C LYS C 49 3.22 -29.58 14.91
N ALA C 50 3.89 -30.36 14.08
CA ALA C 50 4.64 -31.51 14.57
C ALA C 50 5.78 -31.08 15.49
N LEU C 51 5.94 -31.76 16.64
CA LEU C 51 6.86 -31.30 17.68
C LEU C 51 8.30 -31.22 17.18
N ASP C 52 8.70 -32.14 16.32
CA ASP C 52 10.04 -32.14 15.77
C ASP C 52 10.31 -30.87 14.97
N SER C 53 9.25 -30.27 14.43
CA SER C 53 9.39 -29.17 13.47
C SER C 53 9.54 -27.82 14.15
N TRP C 54 9.50 -27.75 15.48
CA TRP C 54 9.79 -26.53 16.20
C TRP C 54 11.30 -26.36 16.37
N THR C 55 11.88 -25.29 15.78
CA THR C 55 13.26 -24.90 16.05
C THR C 55 13.34 -23.99 17.26
N PRO C 56 14.54 -23.74 17.82
CA PRO C 56 14.67 -22.75 18.88
C PRO C 56 14.25 -21.34 18.46
N ALA C 57 14.44 -21.00 17.18
CA ALA C 57 14.07 -19.66 16.74
C ALA C 57 12.55 -19.55 16.73
N ASP C 58 11.89 -20.62 16.31
CA ASP C 58 10.44 -20.62 16.24
C ASP C 58 9.85 -20.48 17.64
N LEU C 59 10.47 -21.07 18.65
CA LEU C 59 9.87 -21.05 19.98
C LEU C 59 9.90 -19.64 20.53
N LEU C 60 10.98 -18.87 20.28
CA LEU C 60 11.01 -17.47 20.63
C LEU C 60 9.82 -16.74 20.02
N ALA C 61 9.62 -16.98 18.73
CA ALA C 61 8.55 -16.31 17.99
C ALA C 61 7.19 -16.70 18.54
N ALA C 62 7.07 -17.93 19.02
CA ALA C 62 5.79 -18.41 19.51
C ALA C 62 5.42 -17.76 20.85
N VAL C 63 6.42 -17.29 21.60
CA VAL C 63 6.11 -16.57 22.81
C VAL C 63 5.41 -15.25 22.47
N GLU C 64 5.92 -14.54 21.46
CA GLU C 64 5.33 -13.28 21.08
C GLU C 64 3.89 -13.46 20.60
N LEU C 65 3.62 -14.59 19.95
CA LEU C 65 2.28 -14.84 19.46
C LEU C 65 1.30 -15.03 20.64
N ALA C 66 1.74 -15.80 21.64
CA ALA C 66 0.88 -16.16 22.74
C ALA C 66 0.58 -14.93 23.60
N ASN C 67 1.61 -14.12 23.83
CA ASN C 67 1.43 -12.91 24.59
C ASN C 67 0.39 -12.02 23.92
N ASN C 68 0.43 -11.91 22.59
CA ASN C 68 -0.51 -11.05 21.90
C ASN C 68 -1.93 -11.62 21.96
N GLN C 69 -2.09 -12.94 21.86
CA GLN C 69 -3.43 -13.52 21.91
C GLN C 69 -4.04 -13.28 23.28
N LEU C 70 -3.21 -13.26 24.32
CA LEU C 70 -3.72 -12.94 25.64
C LEU C 70 -4.12 -11.47 25.70
N TYR C 71 -3.24 -10.60 25.20
CA TYR C 71 -3.42 -9.18 25.41
C TYR C 71 -4.71 -8.65 24.78
N ILE C 72 -5.21 -9.32 23.73
CA ILE C 72 -6.45 -8.89 23.14
C ILE C 72 -7.59 -9.02 24.15
N THR C 73 -7.59 -10.10 24.93
CA THR C 73 -8.67 -10.30 25.90
C THR C 73 -8.65 -9.19 26.94
N VAL C 74 -7.46 -8.73 27.30
CA VAL C 74 -7.29 -7.68 28.28
C VAL C 74 -7.84 -6.34 27.76
N LEU C 75 -7.49 -5.98 26.53
CA LEU C 75 -7.95 -4.71 25.97
C LEU C 75 -9.46 -4.74 25.78
N ARG C 76 -10.00 -5.88 25.37
CA ARG C 76 -11.43 -5.94 25.12
C ARG C 76 -12.19 -5.68 26.42
N LYS C 77 -11.67 -6.20 27.56
CA LYS C 77 -12.30 -5.94 28.84
C LYS C 77 -12.29 -4.44 29.13
N ASP C 78 -11.14 -3.78 28.88
CA ASP C 78 -11.03 -2.36 29.11
C ASP C 78 -12.07 -1.60 28.29
N LEU C 79 -12.29 -2.03 27.05
CA LEU C 79 -13.17 -1.30 26.15
C LEU C 79 -14.62 -1.41 26.63
N ARG C 80 -15.03 -2.61 27.06
CA ARG C 80 -16.42 -2.83 27.47
C ARG C 80 -16.76 -1.99 28.69
N LYS C 81 -15.78 -1.76 29.57
CA LYS C 81 -15.95 -0.88 30.71
C LYS C 81 -16.29 0.53 30.25
N GLU C 82 -15.48 1.08 29.35
CA GLU C 82 -15.64 2.46 28.92
C GLU C 82 -16.94 2.67 28.17
N GLU C 83 -17.43 1.62 27.50
CA GLU C 83 -18.62 1.75 26.69
C GLU C 83 -19.87 1.81 27.56
N ARG C 84 -19.76 1.36 28.81
CA ARG C 84 -20.90 1.36 29.72
C ARG C 84 -21.14 2.76 30.27
N ILE C 85 -20.06 3.49 30.49
CA ILE C 85 -20.13 4.85 31.03
C ILE C 85 -20.88 5.73 30.05
N ARG C 86 -21.81 6.54 30.57
CA ARG C 86 -22.60 7.46 29.75
C ARG C 86 -22.79 8.78 30.49
N GLY C 87 -22.91 9.87 29.71
CA GLY C 87 -22.97 11.22 30.26
C GLY C 87 -21.71 12.01 29.96
N GLU C 88 -21.31 12.86 30.90
CA GLU C 88 -20.16 13.75 30.73
C GLU C 88 -18.86 12.96 30.91
N GLU C 89 -18.93 11.87 31.68
CA GLU C 89 -17.75 11.11 32.05
C GLU C 89 -17.23 10.30 30.85
N ARG C 90 -18.11 10.02 29.88
CA ARG C 90 -17.78 9.16 28.75
C ARG C 90 -16.66 9.76 27.91
N ASP C 91 -15.57 8.98 27.74
CA ASP C 91 -14.41 9.41 26.98
C ASP C 91 -14.43 8.76 25.60
N GLU C 92 -14.91 9.50 24.60
CA GLU C 92 -15.04 8.97 23.26
C GLU C 92 -13.67 8.83 22.59
N GLY C 93 -12.71 9.66 23.01
CA GLY C 93 -11.36 9.58 22.50
C GLY C 93 -10.67 8.28 22.88
N LEU C 94 -10.85 7.84 24.13
CA LEU C 94 -10.28 6.61 24.60
C LEU C 94 -10.98 5.44 23.94
N ILE C 95 -12.30 5.55 23.74
CA ILE C 95 -13.05 4.49 23.11
C ILE C 95 -12.49 4.28 21.70
N LYS C 96 -12.24 5.39 21.00
CA LYS C 96 -11.74 5.32 19.64
C LYS C 96 -10.37 4.63 19.61
N ASP C 97 -9.52 4.93 20.59
CA ASP C 97 -8.16 4.40 20.62
C ASP C 97 -8.17 2.91 20.91
N LEU C 98 -8.98 2.49 21.89
CA LEU C 98 -9.04 1.07 22.22
C LEU C 98 -9.53 0.27 21.02
N ARG C 99 -10.48 0.82 20.26
CA ARG C 99 -11.00 0.12 19.11
C ARG C 99 -9.90 -0.09 18.08
N LYS C 100 -9.05 0.94 17.86
CA LYS C 100 -7.98 0.82 16.88
C LYS C 100 -6.90 -0.16 17.35
N GLN C 101 -6.53 -0.09 18.62
CA GLN C 101 -5.48 -0.96 19.13
C GLN C 101 -5.89 -2.41 18.98
N ILE C 102 -7.20 -2.71 19.06
CA ILE C 102 -7.64 -4.08 18.98
C ILE C 102 -7.50 -4.59 17.55
N VAL C 103 -7.76 -3.74 16.55
CA VAL C 103 -7.60 -4.18 15.17
C VAL C 103 -6.13 -4.38 14.83
N GLU C 104 -5.25 -3.48 15.29
CA GLU C 104 -3.83 -3.62 15.04
C GLU C 104 -3.32 -4.95 15.58
N LEU C 105 -3.68 -5.32 16.81
CA LEU C 105 -3.23 -6.58 17.36
C LEU C 105 -3.72 -7.74 16.48
N GLN C 106 -5.00 -7.69 16.11
CA GLN C 106 -5.58 -8.79 15.37
C GLN C 106 -4.78 -9.03 14.09
N ARG C 107 -4.44 -7.94 13.39
CA ARG C 107 -3.74 -8.10 12.12
C ARG C 107 -2.31 -8.59 12.34
N THR C 108 -1.67 -8.15 13.41
CA THR C 108 -0.35 -8.65 13.74
C THR C 108 -0.37 -10.14 13.98
N ILE C 109 -1.39 -10.62 14.68
CA ILE C 109 -1.49 -12.03 14.97
C ILE C 109 -1.57 -12.86 13.69
N LEU C 110 -2.29 -12.37 12.67
CA LEU C 110 -2.34 -13.11 11.41
C LEU C 110 -0.94 -13.22 10.80
N ALA C 111 -0.13 -12.15 10.85
CA ALA C 111 1.21 -12.20 10.31
C ALA C 111 2.07 -13.21 11.08
N GLN C 112 1.94 -13.20 12.41
CA GLN C 112 2.73 -14.10 13.23
C GLN C 112 2.39 -15.55 12.88
N ARG C 113 1.10 -15.87 12.74
CA ARG C 113 0.70 -17.22 12.42
C ARG C 113 1.36 -17.67 11.13
N ARG C 114 1.31 -16.82 10.10
CA ARG C 114 1.86 -17.16 8.78
C ARG C 114 3.35 -17.48 8.89
N ASP C 115 4.05 -16.70 9.71
CA ASP C 115 5.48 -16.84 9.86
C ASP C 115 5.86 -18.18 10.48
N LEU C 116 5.01 -18.73 11.33
CA LEU C 116 5.29 -20.00 11.99
C LEU C 116 4.73 -21.17 11.21
N GLN C 117 4.05 -20.91 10.09
CA GLN C 117 3.42 -21.96 9.33
C GLN C 117 2.47 -22.74 10.23
N ILE C 118 1.66 -22.05 11.04
CA ILE C 118 0.55 -22.71 11.70
C ILE C 118 -0.76 -22.11 11.22
N HIS C 119 -0.73 -21.41 10.09
CA HIS C 119 -1.96 -20.97 9.46
C HIS C 119 -2.55 -22.14 8.68
N SER C 120 -3.84 -22.05 8.39
CA SER C 120 -4.62 -23.18 7.90
C SER C 120 -4.02 -23.75 6.62
N HIS C 121 -3.56 -22.89 5.71
CA HIS C 121 -3.06 -23.35 4.43
C HIS C 121 -1.92 -24.35 4.62
N ALA C 122 -1.07 -24.09 5.62
CA ALA C 122 0.11 -24.91 5.85
C ALA C 122 -0.23 -26.18 6.63
N THR C 123 -1.37 -26.19 7.33
CA THR C 123 -1.72 -27.31 8.20
C THR C 123 -2.83 -28.17 7.61
N ASN C 124 -3.49 -27.72 6.54
CA ASN C 124 -4.65 -28.41 6.01
C ASN C 124 -4.31 -28.92 4.61
N ASP D 24 29.12 -25.95 19.75
CA ASP D 24 28.18 -26.08 18.62
C ASP D 24 27.51 -24.75 18.30
N THR D 25 28.22 -23.64 18.56
CA THR D 25 27.76 -22.32 18.19
C THR D 25 28.93 -21.49 17.64
N ILE D 26 28.61 -20.27 17.23
CA ILE D 26 29.57 -19.28 16.79
C ILE D 26 29.57 -18.17 17.84
N ASP D 27 30.65 -17.36 17.86
CA ASP D 27 30.71 -16.22 18.76
C ASP D 27 30.42 -14.95 17.97
N PRO D 28 29.71 -13.98 18.55
CA PRO D 28 29.27 -12.79 17.83
C PRO D 28 30.42 -11.86 17.49
N PRO D 29 30.37 -11.14 16.36
CA PRO D 29 31.38 -10.13 16.02
C PRO D 29 31.47 -9.04 17.09
N SER D 30 32.71 -8.66 17.42
CA SER D 30 32.97 -7.70 18.47
C SER D 30 32.45 -6.32 18.10
N HIS D 31 32.62 -5.92 16.83
CA HIS D 31 32.30 -4.57 16.39
C HIS D 31 30.80 -4.34 16.31
N ALA D 32 30.03 -5.42 16.20
CA ALA D 32 28.61 -5.35 15.99
C ALA D 32 27.89 -4.80 17.23
N GLY D 33 28.36 -5.19 18.42
CA GLY D 33 27.80 -4.67 19.66
C GLY D 33 26.54 -5.39 20.11
N LEU D 34 26.66 -6.71 20.34
CA LEU D 34 25.62 -7.49 20.97
C LEU D 34 25.54 -7.16 22.46
N GLU D 35 24.35 -6.80 22.94
CA GLU D 35 24.14 -6.49 24.35
C GLU D 35 24.27 -7.77 25.18
N LYS D 36 24.69 -7.64 26.44
CA LYS D 36 25.09 -8.78 27.24
C LYS D 36 23.90 -9.71 27.50
N LYS D 37 22.74 -9.12 27.81
CA LYS D 37 21.57 -9.92 28.14
C LYS D 37 20.91 -10.49 26.89
N ALA D 38 21.50 -10.23 25.71
CA ALA D 38 20.93 -10.69 24.45
C ALA D 38 21.53 -12.04 24.02
N GLU D 39 22.56 -12.51 24.74
CA GLU D 39 23.29 -13.69 24.35
C GLU D 39 22.38 -14.91 24.27
N PRO D 40 21.46 -15.13 25.24
CA PRO D 40 20.52 -16.25 25.16
C PRO D 40 19.78 -16.30 23.83
N PHE D 41 19.36 -15.14 23.35
CA PHE D 41 18.65 -15.03 22.10
C PHE D 41 19.58 -15.36 20.93
N TRP D 42 20.81 -14.82 20.97
CA TRP D 42 21.79 -15.08 19.94
C TRP D 42 22.00 -16.58 19.74
N HIS D 43 22.23 -17.30 20.84
CA HIS D 43 22.49 -18.72 20.76
C HIS D 43 21.31 -19.45 20.15
N ASP D 44 20.08 -19.08 20.50
CA ASP D 44 18.91 -19.76 19.93
C ASP D 44 18.85 -19.55 18.42
N ASN D 45 19.15 -18.33 17.95
CA ASN D 45 19.02 -18.06 16.53
C ASN D 45 20.06 -18.84 15.75
N ILE D 46 21.32 -18.84 16.22
CA ILE D 46 22.40 -19.49 15.49
C ILE D 46 22.15 -20.99 15.36
N ARG D 47 21.57 -21.60 16.40
CA ARG D 47 21.38 -23.04 16.40
C ARG D 47 20.29 -23.46 15.42
N SER D 48 19.60 -22.51 14.78
CA SER D 48 18.41 -22.85 14.04
C SER D 48 18.67 -23.02 12.55
N LYS D 49 19.94 -23.22 12.18
CA LYS D 49 20.35 -23.27 10.79
C LYS D 49 21.78 -23.80 10.76
N ALA D 50 22.16 -24.47 9.67
CA ALA D 50 23.41 -25.23 9.66
C ALA D 50 24.62 -24.30 9.83
N LEU D 51 25.57 -24.67 10.69
CA LEU D 51 26.64 -23.76 11.09
C LEU D 51 27.49 -23.31 9.90
N ASP D 52 27.69 -24.20 8.94
CA ASP D 52 28.48 -23.87 7.76
C ASP D 52 27.81 -22.74 6.97
N SER D 53 26.48 -22.61 7.09
CA SER D 53 25.71 -21.74 6.23
C SER D 53 25.66 -20.30 6.73
N TRP D 54 26.29 -20.01 7.88
CA TRP D 54 26.43 -18.63 8.34
C TRP D 54 27.62 -17.94 7.66
N THR D 55 27.37 -16.90 6.86
CA THR D 55 28.43 -16.06 6.32
C THR D 55 28.78 -14.93 7.30
N PRO D 56 29.87 -14.19 7.10
CA PRO D 56 30.15 -13.02 7.93
C PRO D 56 29.06 -11.95 7.85
N ALA D 57 28.40 -11.82 6.69
CA ALA D 57 27.40 -10.79 6.56
C ALA D 57 26.18 -11.19 7.40
N ASP D 58 25.86 -12.48 7.38
CA ASP D 58 24.71 -12.97 8.11
C ASP D 58 24.92 -12.75 9.60
N LEU D 59 26.14 -12.91 10.09
CA LEU D 59 26.35 -12.83 11.53
C LEU D 59 26.12 -11.40 12.02
N LEU D 60 26.52 -10.41 11.24
CA LEU D 60 26.19 -9.02 11.54
C LEU D 60 24.67 -8.86 11.67
N ALA D 61 23.95 -9.40 10.69
CA ALA D 61 22.51 -9.26 10.67
C ALA D 61 21.87 -9.97 11.87
N ALA D 62 22.50 -11.05 12.33
CA ALA D 62 21.93 -11.81 13.41
C ALA D 62 22.08 -11.06 14.73
N VAL D 63 23.07 -10.16 14.85
CA VAL D 63 23.19 -9.38 16.05
C VAL D 63 21.99 -8.45 16.18
N GLU D 64 21.61 -7.80 15.07
CA GLU D 64 20.49 -6.87 15.09
C GLU D 64 19.20 -7.58 15.49
N LEU D 65 19.06 -8.85 15.10
CA LEU D 65 17.85 -9.59 15.41
C LEU D 65 17.79 -9.86 16.91
N ALA D 66 18.92 -10.25 17.50
CA ALA D 66 18.97 -10.64 18.89
C ALA D 66 18.73 -9.42 19.79
N ASN D 67 19.35 -8.30 19.44
CA ASN D 67 19.15 -7.08 20.17
C ASN D 67 17.66 -6.71 20.20
N ASN D 68 16.97 -6.86 19.06
CA ASN D 68 15.57 -6.50 19.01
C ASN D 68 14.71 -7.45 19.85
N GLN D 69 15.04 -8.75 19.82
CA GLN D 69 14.24 -9.70 20.58
C GLN D 69 14.39 -9.40 22.06
N LEU D 70 15.56 -8.91 22.49
CA LEU D 70 15.73 -8.52 23.87
C LEU D 70 14.91 -7.28 24.17
N TYR D 71 15.00 -6.29 23.27
CA TYR D 71 14.43 -5.00 23.58
C TYR D 71 12.91 -5.05 23.76
N ILE D 72 12.23 -6.03 23.17
CA ILE D 72 10.80 -6.15 23.37
C ILE D 72 10.51 -6.46 24.83
N THR D 73 11.32 -7.30 25.47
CA THR D 73 11.07 -7.64 26.86
C THR D 73 11.19 -6.41 27.75
N VAL D 74 12.12 -5.51 27.39
CA VAL D 74 12.34 -4.30 28.15
C VAL D 74 11.15 -3.35 28.02
N LEU D 75 10.65 -3.13 26.81
CA LEU D 75 9.52 -2.23 26.60
C LEU D 75 8.27 -2.79 27.27
N ARG D 76 8.09 -4.10 27.21
CA ARG D 76 6.88 -4.68 27.79
C ARG D 76 6.86 -4.41 29.29
N LYS D 77 8.03 -4.49 29.96
CA LYS D 77 8.10 -4.18 31.37
C LYS D 77 7.69 -2.74 31.62
N ASP D 78 8.19 -1.81 30.79
CA ASP D 78 7.84 -0.41 30.92
C ASP D 78 6.33 -0.21 30.83
N LEU D 79 5.69 -0.93 29.90
CA LEU D 79 4.28 -0.74 29.64
C LEU D 79 3.45 -1.22 30.84
N ARG D 80 3.82 -2.36 31.42
CA ARG D 80 3.05 -2.93 32.52
C ARG D 80 3.08 -1.99 33.73
N LYS D 81 4.19 -1.29 33.93
CA LYS D 81 4.30 -0.30 34.99
C LYS D 81 3.25 0.79 34.79
N GLU D 82 3.20 1.38 33.58
CA GLU D 82 2.33 2.51 33.33
C GLU D 82 0.86 2.12 33.42
N GLU D 83 0.56 0.85 33.12
CA GLU D 83 -0.83 0.42 33.10
C GLU D 83 -1.35 0.24 34.52
N ARG D 84 -0.47 0.13 35.51
CA ARG D 84 -0.87 -0.07 36.90
C ARG D 84 -1.32 1.26 37.50
N ILE D 85 -0.67 2.35 37.10
CA ILE D 85 -0.98 3.67 37.59
C ILE D 85 -2.42 4.03 37.20
N ARG D 86 -3.18 4.57 38.15
CA ARG D 86 -4.58 4.90 37.92
C ARG D 86 -4.92 6.21 38.64
N GLY D 87 -5.87 6.95 38.05
CA GLY D 87 -6.24 8.28 38.53
C GLY D 87 -5.76 9.38 37.58
N GLU D 88 -5.37 10.52 38.17
CA GLU D 88 -4.93 11.68 37.41
C GLU D 88 -3.53 11.47 36.88
N GLU D 89 -2.74 10.63 37.56
CA GLU D 89 -1.34 10.45 37.25
C GLU D 89 -1.16 9.65 35.95
N ARG D 90 -2.19 8.86 35.58
CA ARG D 90 -2.12 7.95 34.45
C ARG D 90 -1.92 8.73 33.15
N ASP D 91 -0.86 8.37 32.41
CA ASP D 91 -0.51 8.99 31.15
C ASP D 91 -0.96 8.08 30.00
N GLU D 92 -2.11 8.39 29.41
CA GLU D 92 -2.69 7.58 28.36
C GLU D 92 -1.91 7.76 27.05
N GLY D 93 -1.29 8.93 26.89
CA GLY D 93 -0.45 9.20 25.73
C GLY D 93 0.78 8.30 25.65
N LEU D 94 1.43 8.11 26.81
CA LEU D 94 2.60 7.25 26.89
C LEU D 94 2.17 5.79 26.71
N ILE D 95 1.02 5.44 27.27
CA ILE D 95 0.55 4.08 27.15
C ILE D 95 0.35 3.77 25.67
N LYS D 96 -0.25 4.72 24.94
CA LYS D 96 -0.53 4.51 23.54
C LYS D 96 0.77 4.33 22.75
N ASP D 97 1.80 5.10 23.10
CA ASP D 97 3.06 5.06 22.40
C ASP D 97 3.78 3.73 22.63
N LEU D 98 3.83 3.29 23.88
CA LEU D 98 4.51 2.05 24.18
C LEU D 98 3.84 0.88 23.46
N ARG D 99 2.51 0.92 23.35
CA ARG D 99 1.79 -0.14 22.66
C ARG D 99 2.21 -0.18 21.20
N LYS D 100 2.35 0.99 20.56
CA LYS D 100 2.73 1.03 19.15
C LYS D 100 4.18 0.59 18.96
N GLN D 101 5.09 1.04 19.82
CA GLN D 101 6.49 0.68 19.66
C GLN D 101 6.67 -0.84 19.75
N ILE D 102 5.82 -1.51 20.53
CA ILE D 102 5.97 -2.94 20.67
C ILE D 102 5.55 -3.65 19.39
N VAL D 103 4.50 -3.16 18.73
CA VAL D 103 4.06 -3.79 17.49
C VAL D 103 5.08 -3.56 16.37
N GLU D 104 5.65 -2.34 16.28
CA GLU D 104 6.66 -2.07 15.28
C GLU D 104 7.83 -3.03 15.40
N LEU D 105 8.34 -3.24 16.62
CA LEU D 105 9.45 -4.15 16.80
C LEU D 105 9.06 -5.56 16.33
N GLN D 106 7.87 -6.01 16.73
CA GLN D 106 7.46 -7.37 16.43
C GLN D 106 7.47 -7.58 14.93
N ARG D 107 6.97 -6.60 14.15
CA ARG D 107 6.88 -6.77 12.72
C ARG D 107 8.27 -6.72 12.09
N THR D 108 9.17 -5.90 12.62
CA THR D 108 10.53 -5.86 12.13
C THR D 108 11.22 -7.21 12.34
N ILE D 109 10.97 -7.84 13.48
CA ILE D 109 11.59 -9.12 13.77
C ILE D 109 11.17 -10.17 12.71
N LEU D 110 9.91 -10.15 12.29
CA LEU D 110 9.48 -11.07 11.25
C LEU D 110 10.28 -10.87 9.96
N ALA D 111 10.53 -9.61 9.58
CA ALA D 111 11.31 -9.33 8.37
C ALA D 111 12.74 -9.83 8.52
N GLN D 112 13.34 -9.59 9.70
CA GLN D 112 14.70 -10.01 9.94
C GLN D 112 14.81 -11.53 9.81
N ARG D 113 13.88 -12.27 10.40
CA ARG D 113 13.92 -13.72 10.33
C ARG D 113 13.91 -14.19 8.87
N ARG D 114 13.02 -13.62 8.07
CA ARG D 114 12.86 -13.99 6.67
C ARG D 114 14.17 -13.76 5.91
N ASP D 115 14.85 -12.67 6.24
CA ASP D 115 16.07 -12.28 5.54
C ASP D 115 17.20 -13.28 5.79
N LEU D 116 17.22 -13.91 6.98
CA LEU D 116 18.27 -14.86 7.30
C LEU D 116 17.87 -16.30 6.92
N GLN D 117 16.65 -16.47 6.39
CA GLN D 117 16.13 -17.78 6.09
C GLN D 117 16.18 -18.66 7.35
N ILE D 118 15.75 -18.13 8.49
CA ILE D 118 15.51 -18.99 9.64
C ILE D 118 14.04 -18.97 10.01
N HIS D 119 13.18 -18.52 9.09
CA HIS D 119 11.75 -18.61 9.29
C HIS D 119 11.31 -20.02 8.94
N SER D 120 10.14 -20.39 9.45
CA SER D 120 9.69 -21.78 9.45
C SER D 120 9.65 -22.34 8.03
N HIS D 121 9.19 -21.54 7.06
CA HIS D 121 9.05 -22.04 5.70
C HIS D 121 10.38 -22.57 5.16
N ALA D 122 11.48 -21.90 5.51
CA ALA D 122 12.78 -22.25 5.00
C ALA D 122 13.40 -23.43 5.77
N THR D 123 12.93 -23.65 7.01
CA THR D 123 13.50 -24.68 7.87
C THR D 123 12.48 -25.81 7.98
N ASN D 124 12.64 -26.87 7.17
CA ASN D 124 11.62 -27.90 7.04
C ASN D 124 10.32 -27.26 6.53
N ASP E 24 42.64 -11.42 -0.74
CA ASP E 24 41.71 -11.89 0.33
C ASP E 24 40.51 -10.95 0.45
N THR E 25 40.77 -9.64 0.31
CA THR E 25 39.70 -8.64 0.29
C THR E 25 39.98 -7.59 -0.78
N ILE E 26 39.04 -6.66 -0.91
CA ILE E 26 39.17 -5.51 -1.78
C ILE E 26 39.30 -4.27 -0.90
N ASP E 27 39.84 -3.18 -1.46
CA ASP E 27 39.92 -1.93 -0.72
C ASP E 27 38.82 -0.99 -1.19
N PRO E 28 38.22 -0.21 -0.27
CA PRO E 28 37.07 0.61 -0.61
C PRO E 28 37.44 1.80 -1.47
N PRO E 29 36.55 2.26 -2.38
CA PRO E 29 36.79 3.45 -3.18
C PRO E 29 37.03 4.69 -2.33
N SER E 30 38.01 5.49 -2.72
CA SER E 30 38.39 6.68 -1.95
C SER E 30 37.27 7.72 -1.94
N HIS E 31 36.64 7.92 -3.10
CA HIS E 31 35.67 8.99 -3.27
C HIS E 31 34.36 8.69 -2.54
N ALA E 32 34.12 7.41 -2.26
CA ALA E 32 32.86 6.97 -1.68
C ALA E 32 32.69 7.48 -0.25
N GLY E 33 33.78 7.51 0.51
CA GLY E 33 33.73 8.02 1.87
C GLY E 33 33.26 7.00 2.89
N LEU E 34 33.98 5.88 2.98
CA LEU E 34 33.81 4.93 4.06
C LEU E 34 34.40 5.50 5.35
N GLU E 35 33.60 5.53 6.41
CA GLU E 35 34.05 6.03 7.71
C GLU E 35 35.04 5.04 8.31
N LYS E 36 35.98 5.54 9.13
CA LYS E 36 37.13 4.77 9.55
C LYS E 36 36.72 3.57 10.40
N LYS E 37 35.77 3.78 11.31
CA LYS E 37 35.35 2.72 12.21
C LYS E 37 34.41 1.74 11.52
N ALA E 38 34.15 1.94 10.22
CA ALA E 38 33.25 1.09 9.47
C ALA E 38 34.01 -0.05 8.78
N GLU E 39 35.34 0.01 8.80
CA GLU E 39 36.17 -0.92 8.05
C GLU E 39 35.89 -2.37 8.46
N PRO E 40 35.78 -2.70 9.76
CA PRO E 40 35.44 -4.05 10.17
C PRO E 40 34.19 -4.59 9.48
N PHE E 41 33.17 -3.73 9.34
CA PHE E 41 31.94 -4.10 8.68
C PHE E 41 32.16 -4.32 7.18
N TRP E 42 32.93 -3.44 6.57
CA TRP E 42 33.27 -3.56 5.16
C TRP E 42 33.89 -4.90 4.85
N HIS E 43 34.90 -5.29 5.63
CA HIS E 43 35.58 -6.55 5.42
C HIS E 43 34.61 -7.73 5.53
N ASP E 44 33.70 -7.70 6.50
CA ASP E 44 32.76 -8.81 6.65
C ASP E 44 31.86 -8.93 5.42
N ASN E 45 31.39 -7.80 4.89
CA ASN E 45 30.45 -7.86 3.79
C ASN E 45 31.16 -8.40 2.55
N ILE E 46 32.37 -7.90 2.25
CA ILE E 46 33.06 -8.28 1.03
C ILE E 46 33.37 -9.78 1.04
N ARG E 47 33.69 -10.34 2.20
CA ARG E 47 34.08 -11.73 2.29
C ARG E 47 32.91 -12.65 2.05
N SER E 48 31.69 -12.12 1.91
CA SER E 48 30.51 -12.98 1.94
C SER E 48 30.03 -13.36 0.55
N LYS E 49 30.90 -13.20 -0.46
CA LYS E 49 30.52 -13.38 -1.85
C LYS E 49 31.82 -13.39 -2.66
N ALA E 50 31.83 -14.10 -3.78
CA ALA E 50 33.07 -14.39 -4.48
C ALA E 50 33.71 -13.11 -5.00
N LEU E 51 35.03 -12.96 -4.82
CA LEU E 51 35.71 -11.68 -5.06
C LEU E 51 35.56 -11.23 -6.52
N ASP E 52 35.55 -12.19 -7.45
CA ASP E 52 35.40 -11.87 -8.86
C ASP E 52 34.06 -11.19 -9.12
N SER E 53 33.06 -11.47 -8.27
CA SER E 53 31.69 -11.08 -8.53
C SER E 53 31.37 -9.66 -8.07
N TRP E 54 32.33 -8.96 -7.45
CA TRP E 54 32.14 -7.56 -7.12
C TRP E 54 32.46 -6.68 -8.32
N THR E 55 31.45 -5.92 -8.80
CA THR E 55 31.69 -4.91 -9.82
C THR E 55 32.07 -3.58 -9.17
N PRO E 56 32.55 -2.58 -9.94
CA PRO E 56 32.73 -1.24 -9.39
C PRO E 56 31.46 -0.61 -8.87
N ALA E 57 30.31 -0.91 -9.48
CA ALA E 57 29.06 -0.32 -9.02
C ALA E 57 28.70 -0.90 -7.66
N ASP E 58 28.93 -2.21 -7.51
CA ASP E 58 28.59 -2.88 -6.27
C ASP E 58 29.45 -2.32 -5.14
N LEU E 59 30.71 -1.98 -5.41
CA LEU E 59 31.58 -1.56 -4.32
C LEU E 59 31.12 -0.22 -3.76
N LEU E 60 30.65 0.69 -4.63
CA LEU E 60 30.04 1.93 -4.17
C LEU E 60 28.88 1.63 -3.24
N ALA E 61 28.01 0.70 -3.66
CA ALA E 61 26.83 0.37 -2.90
C ALA E 61 27.21 -0.25 -1.56
N ALA E 62 28.31 -0.98 -1.53
CA ALA E 62 28.71 -1.66 -0.32
C ALA E 62 29.24 -0.67 0.71
N VAL E 63 29.72 0.49 0.27
CA VAL E 63 30.15 1.49 1.23
C VAL E 63 28.92 1.99 2.01
N GLU E 64 27.82 2.26 1.31
CA GLU E 64 26.63 2.75 1.97
C GLU E 64 26.09 1.74 2.98
N LEU E 65 26.25 0.45 2.69
CA LEU E 65 25.76 -0.58 3.58
C LEU E 65 26.58 -0.57 4.86
N ALA E 66 27.90 -0.46 4.73
CA ALA E 66 28.81 -0.55 5.85
C ALA E 66 28.62 0.66 6.77
N ASN E 67 28.51 1.84 6.16
CA ASN E 67 28.27 3.04 6.93
C ASN E 67 26.99 2.91 7.75
N ASN E 68 25.93 2.33 7.19
CA ASN E 68 24.68 2.19 7.92
C ASN E 68 24.82 1.19 9.06
N GLN E 69 25.54 0.08 8.84
CA GLN E 69 25.69 -0.92 9.91
C GLN E 69 26.47 -0.28 11.06
N LEU E 70 27.39 0.63 10.77
CA LEU E 70 28.10 1.34 11.81
C LEU E 70 27.14 2.28 12.53
N TYR E 71 26.38 3.04 11.77
CA TYR E 71 25.62 4.14 12.34
C TYR E 71 24.55 3.63 13.31
N ILE E 72 24.10 2.39 13.16
CA ILE E 72 23.16 1.84 14.12
C ILE E 72 23.79 1.78 15.50
N THR E 73 25.05 1.39 15.58
CA THR E 73 25.70 1.26 16.88
C THR E 73 25.78 2.63 17.56
N VAL E 74 25.99 3.68 16.76
CA VAL E 74 26.09 5.03 17.29
C VAL E 74 24.74 5.51 17.84
N LEU E 75 23.65 5.30 17.10
CA LEU E 75 22.34 5.73 17.56
C LEU E 75 21.93 4.95 18.80
N ARG E 76 22.25 3.67 18.84
CA ARG E 76 21.84 2.86 19.98
C ARG E 76 22.50 3.40 21.24
N LYS E 77 23.77 3.82 21.14
CA LYS E 77 24.45 4.41 22.29
C LYS E 77 23.71 5.68 22.75
N ASP E 78 23.33 6.53 21.79
CA ASP E 78 22.61 7.74 22.10
C ASP E 78 21.32 7.43 22.87
N LEU E 79 20.62 6.38 22.45
CA LEU E 79 19.32 6.07 23.02
C LEU E 79 19.49 5.61 24.46
N ARG E 80 20.50 4.76 24.74
CA ARG E 80 20.69 4.21 26.07
C ARG E 80 21.00 5.32 27.07
N LYS E 81 21.70 6.38 26.61
CA LYS E 81 21.97 7.54 27.44
C LYS E 81 20.66 8.19 27.88
N GLU E 82 19.78 8.48 26.92
CA GLU E 82 18.56 9.23 27.20
C GLU E 82 17.62 8.41 28.09
N GLU E 83 17.71 7.08 28.00
CA GLU E 83 16.78 6.25 28.75
C GLU E 83 17.18 6.20 30.22
N ARG E 84 18.43 6.57 30.55
CA ARG E 84 18.91 6.54 31.92
C ARG E 84 18.38 7.75 32.68
N ILE E 85 18.27 8.89 31.99
CA ILE E 85 17.80 10.12 32.59
C ILE E 85 16.36 9.92 33.06
N ARG E 86 16.07 10.39 34.29
CA ARG E 86 14.73 10.28 34.85
C ARG E 86 14.42 11.55 35.65
N GLY E 87 13.11 11.89 35.71
CA GLY E 87 12.66 13.13 36.30
C GLY E 87 12.14 14.10 35.23
N GLU E 88 12.35 15.40 35.47
CA GLU E 88 11.85 16.45 34.58
C GLU E 88 12.73 16.54 33.33
N GLU E 89 13.99 16.14 33.45
CA GLU E 89 14.95 16.28 32.38
C GLU E 89 14.68 15.30 31.25
N ARG E 90 13.99 14.20 31.55
CA ARG E 90 13.75 13.12 30.61
C ARG E 90 12.94 13.61 29.40
N ASP E 91 13.51 13.43 28.20
CA ASP E 91 12.87 13.85 26.96
C ASP E 91 12.26 12.64 26.27
N GLU E 92 10.94 12.46 26.44
CA GLU E 92 10.26 11.30 25.90
C GLU E 92 10.09 11.44 24.39
N GLY E 93 10.05 12.68 23.91
CA GLY E 93 9.96 12.95 22.49
C GLY E 93 11.21 12.48 21.72
N LEU E 94 12.38 12.74 22.30
CA LEU E 94 13.63 12.32 21.70
C LEU E 94 13.77 10.81 21.79
N ILE E 95 13.31 10.23 22.90
CA ILE E 95 13.39 8.79 23.05
C ILE E 95 12.55 8.14 21.95
N LYS E 96 11.36 8.69 21.70
CA LYS E 96 10.48 8.14 20.68
C LYS E 96 11.14 8.22 19.30
N ASP E 97 11.84 9.32 19.02
CA ASP E 97 12.45 9.53 17.72
C ASP E 97 13.63 8.58 17.52
N LEU E 98 14.48 8.43 18.52
CA LEU E 98 15.62 7.54 18.39
C LEU E 98 15.16 6.11 18.16
N ARG E 99 14.07 5.70 18.82
CA ARG E 99 13.56 4.35 18.63
C ARG E 99 13.11 4.16 17.17
N LYS E 100 12.45 5.16 16.58
CA LYS E 100 11.99 5.04 15.20
C LYS E 100 13.18 5.06 14.23
N GLN E 101 14.16 5.93 14.44
CA GLN E 101 15.28 6.03 13.52
C GLN E 101 16.03 4.71 13.47
N ILE E 102 16.04 3.96 14.58
CA ILE E 102 16.78 2.71 14.59
C ILE E 102 16.06 1.68 13.73
N VAL E 103 14.73 1.65 13.77
CA VAL E 103 13.99 0.70 12.96
C VAL E 103 14.11 1.06 11.46
N GLU E 104 14.03 2.34 11.12
CA GLU E 104 14.19 2.76 9.73
C GLU E 104 15.54 2.30 9.16
N LEU E 105 16.62 2.48 9.90
CA LEU E 105 17.91 2.02 9.42
C LEU E 105 17.89 0.51 9.21
N GLN E 106 17.36 -0.22 10.18
CA GLN E 106 17.38 -1.67 10.10
C GLN E 106 16.66 -2.13 8.82
N ARG E 107 15.53 -1.52 8.50
CA ARG E 107 14.76 -1.94 7.32
C ARG E 107 15.52 -1.58 6.04
N THR E 108 16.19 -0.43 6.02
CA THR E 108 16.99 -0.05 4.88
C THR E 108 18.12 -1.04 4.65
N ILE E 109 18.74 -1.50 5.74
CA ILE E 109 19.83 -2.46 5.62
C ILE E 109 19.35 -3.75 4.95
N LEU E 110 18.15 -4.22 5.27
CA LEU E 110 17.64 -5.42 4.60
C LEU E 110 17.51 -5.18 3.10
N ALA E 111 17.06 -4.01 2.67
CA ALA E 111 16.96 -3.73 1.25
C ALA E 111 18.34 -3.72 0.59
N GLN E 112 19.31 -3.10 1.25
CA GLN E 112 20.65 -3.00 0.71
C GLN E 112 21.23 -4.41 0.55
N ARG E 113 21.06 -5.28 1.54
CA ARG E 113 21.60 -6.62 1.48
C ARG E 113 21.07 -7.34 0.24
N ARG E 114 19.75 -7.24 0.03
CA ARG E 114 19.09 -7.93 -1.07
C ARG E 114 19.65 -7.45 -2.40
N ASP E 115 19.94 -6.14 -2.49
CA ASP E 115 20.40 -5.53 -3.72
C ASP E 115 21.77 -6.06 -4.11
N LEU E 116 22.60 -6.41 -3.12
CA LEU E 116 23.95 -6.89 -3.41
C LEU E 116 23.99 -8.41 -3.54
N GLN E 117 22.83 -9.07 -3.34
CA GLN E 117 22.78 -10.52 -3.32
C GLN E 117 23.78 -11.06 -2.30
N ILE E 118 23.82 -10.48 -1.10
CA ILE E 118 24.55 -11.12 -0.02
C ILE E 118 23.60 -11.51 1.10
N HIS E 119 22.30 -11.55 0.79
CA HIS E 119 21.34 -12.07 1.75
C HIS E 119 21.37 -13.58 1.66
N SER E 120 20.85 -14.21 2.72
CA SER E 120 21.05 -15.64 2.94
C SER E 120 20.50 -16.46 1.77
N HIS E 121 19.36 -16.06 1.20
CA HIS E 121 18.75 -16.84 0.14
C HIS E 121 19.71 -17.00 -1.04
N ALA E 122 20.47 -15.94 -1.34
CA ALA E 122 21.35 -15.94 -2.49
C ALA E 122 22.66 -16.65 -2.18
N THR E 123 23.03 -16.78 -0.90
CA THR E 123 24.31 -17.33 -0.52
C THR E 123 24.20 -18.75 0.02
N ASN E 124 22.98 -19.24 0.29
CA ASN E 124 22.81 -20.53 0.92
C ASN E 124 22.13 -21.49 -0.05
N VAL F 23 39.94 3.49 -25.08
CA VAL F 23 38.89 4.25 -24.33
C VAL F 23 37.92 3.22 -23.73
N ASP F 24 37.95 3.08 -22.40
CA ASP F 24 37.13 2.09 -21.72
C ASP F 24 35.93 2.72 -21.04
N THR F 25 35.58 3.98 -21.32
CA THR F 25 34.37 4.58 -20.77
C THR F 25 33.67 5.43 -21.84
N ILE F 26 32.54 6.01 -21.45
CA ILE F 26 31.77 6.93 -22.25
C ILE F 26 31.86 8.29 -21.56
N ASP F 27 31.56 9.37 -22.29
CA ASP F 27 31.52 10.70 -21.69
C ASP F 27 30.08 11.12 -21.47
N PRO F 28 29.78 11.82 -20.37
CA PRO F 28 28.41 12.14 -20.00
C PRO F 28 27.79 13.18 -20.91
N PRO F 29 26.45 13.13 -21.16
CA PRO F 29 25.76 14.17 -21.92
C PRO F 29 25.91 15.55 -21.27
N SER F 30 26.16 16.56 -22.11
CA SER F 30 26.43 17.91 -21.64
C SER F 30 25.20 18.51 -20.98
N HIS F 31 24.02 18.29 -21.59
CA HIS F 31 22.80 18.95 -21.15
C HIS F 31 22.29 18.37 -19.84
N ALA F 32 22.71 17.14 -19.51
CA ALA F 32 22.21 16.43 -18.36
C ALA F 32 22.66 17.10 -17.06
N GLY F 33 23.88 17.62 -17.03
CA GLY F 33 24.35 18.39 -15.88
C GLY F 33 24.92 17.49 -14.79
N LEU F 34 25.94 16.70 -15.13
CA LEU F 34 26.72 15.96 -14.16
C LEU F 34 27.62 16.91 -13.41
N GLU F 35 27.55 16.89 -12.07
CA GLU F 35 28.35 17.76 -11.23
C GLU F 35 29.80 17.31 -11.30
N LYS F 36 30.75 18.23 -11.10
CA LYS F 36 32.16 17.97 -11.37
C LYS F 36 32.71 16.90 -10.44
N LYS F 37 32.34 16.95 -9.16
CA LYS F 37 32.87 16.01 -8.19
C LYS F 37 32.17 14.66 -8.29
N ALA F 38 31.24 14.51 -9.24
CA ALA F 38 30.48 13.28 -9.40
C ALA F 38 31.13 12.34 -10.43
N GLU F 39 32.16 12.85 -11.14
CA GLU F 39 32.75 12.12 -12.24
C GLU F 39 33.30 10.77 -11.79
N PRO F 40 34.02 10.68 -10.65
CA PRO F 40 34.50 9.40 -10.16
C PRO F 40 33.41 8.34 -10.08
N PHE F 41 32.22 8.76 -9.60
CA PHE F 41 31.10 7.86 -9.49
C PHE F 41 30.58 7.45 -10.86
N TRP F 42 30.48 8.41 -11.77
CA TRP F 42 30.06 8.15 -13.14
C TRP F 42 30.91 7.06 -13.78
N HIS F 43 32.23 7.20 -13.71
CA HIS F 43 33.12 6.23 -14.30
C HIS F 43 32.92 4.84 -13.69
N ASP F 44 32.72 4.74 -12.38
CA ASP F 44 32.51 3.44 -11.76
C ASP F 44 31.23 2.79 -12.28
N ASN F 45 30.15 3.58 -12.44
CA ASN F 45 28.89 3.00 -12.84
C ASN F 45 28.99 2.49 -14.27
N ILE F 46 29.57 3.29 -15.18
CA ILE F 46 29.62 2.92 -16.58
C ILE F 46 30.42 1.65 -16.78
N ARG F 47 31.49 1.47 -16.00
CA ARG F 47 32.36 0.32 -16.18
C ARG F 47 31.69 -0.97 -15.72
N SER F 48 30.49 -0.90 -15.16
CA SER F 48 29.93 -2.07 -14.49
C SER F 48 29.00 -2.89 -15.40
N LYS F 49 29.09 -2.65 -16.71
CA LYS F 49 28.13 -3.21 -17.66
C LYS F 49 28.72 -2.96 -19.04
N ALA F 50 28.40 -3.83 -20.00
CA ALA F 50 29.09 -3.81 -21.28
C ALA F 50 28.83 -2.52 -22.03
N LEU F 51 29.88 -1.91 -22.60
CA LEU F 51 29.79 -0.56 -23.14
C LEU F 51 28.76 -0.44 -24.26
N ASP F 52 28.65 -1.51 -25.08
CA ASP F 52 27.69 -1.53 -26.16
C ASP F 52 26.27 -1.40 -25.64
N SER F 53 26.03 -1.83 -24.38
CA SER F 53 24.69 -1.98 -23.86
C SER F 53 24.15 -0.67 -23.26
N TRP F 54 24.93 0.40 -23.25
CA TRP F 54 24.43 1.69 -22.84
C TRP F 54 23.73 2.40 -24.00
N THR F 55 22.43 2.68 -23.86
CA THR F 55 21.69 3.51 -24.81
C THR F 55 21.79 4.97 -24.43
N PRO F 56 21.41 5.91 -25.31
CA PRO F 56 21.36 7.32 -24.93
C PRO F 56 20.36 7.60 -23.80
N ALA F 57 19.29 6.83 -23.70
CA ALA F 57 18.31 7.06 -22.63
C ALA F 57 18.93 6.65 -21.30
N ASP F 58 19.68 5.55 -21.32
CA ASP F 58 20.31 5.06 -20.11
C ASP F 58 21.34 6.07 -19.63
N LEU F 59 22.05 6.76 -20.54
CA LEU F 59 23.11 7.65 -20.09
C LEU F 59 22.52 8.85 -19.36
N LEU F 60 21.37 9.36 -19.81
CA LEU F 60 20.66 10.39 -19.07
C LEU F 60 20.37 9.91 -17.65
N ALA F 61 19.84 8.69 -17.55
CA ALA F 61 19.46 8.14 -16.27
C ALA F 61 20.68 7.96 -15.38
N ALA F 62 21.82 7.66 -15.99
CA ALA F 62 23.01 7.37 -15.22
C ALA F 62 23.57 8.64 -14.61
N VAL F 63 23.27 9.81 -15.20
CA VAL F 63 23.72 11.04 -14.60
C VAL F 63 23.00 11.24 -13.27
N GLU F 64 21.68 11.00 -13.25
CA GLU F 64 20.91 11.17 -12.02
C GLU F 64 21.40 10.25 -10.92
N LEU F 65 21.85 9.05 -11.29
CA LEU F 65 22.33 8.11 -10.29
C LEU F 65 23.63 8.63 -9.67
N ALA F 66 24.53 9.14 -10.52
CA ALA F 66 25.85 9.56 -10.08
C ALA F 66 25.74 10.79 -9.18
N ASN F 67 24.89 11.74 -9.60
CA ASN F 67 24.66 12.92 -8.80
C ASN F 67 24.16 12.54 -7.42
N ASN F 68 23.25 11.55 -7.32
CA ASN F 68 22.70 11.16 -6.02
C ASN F 68 23.77 10.49 -5.18
N GLN F 69 24.63 9.65 -5.77
CA GLN F 69 25.65 8.98 -4.99
C GLN F 69 26.62 10.02 -4.43
N LEU F 70 26.85 11.11 -5.17
CA LEU F 70 27.68 12.18 -4.64
C LEU F 70 26.94 12.89 -3.50
N TYR F 71 25.68 13.21 -3.72
CA TYR F 71 24.97 14.09 -2.81
C TYR F 71 24.83 13.47 -1.41
N ILE F 72 24.87 12.14 -1.31
CA ILE F 72 24.81 11.50 -0.01
C ILE F 72 26.04 11.92 0.80
N THR F 73 27.21 11.96 0.17
CA THR F 73 28.42 12.28 0.90
C THR F 73 28.36 13.71 1.44
N VAL F 74 27.72 14.60 0.68
CA VAL F 74 27.60 15.99 1.07
C VAL F 74 26.67 16.12 2.28
N LEU F 75 25.50 15.46 2.26
CA LEU F 75 24.56 15.55 3.37
C LEU F 75 25.17 14.92 4.62
N ARG F 76 25.90 13.84 4.46
CA ARG F 76 26.43 13.19 5.64
C ARG F 76 27.43 14.12 6.32
N LYS F 77 28.21 14.88 5.56
CA LYS F 77 29.10 15.87 6.15
C LYS F 77 28.31 16.91 6.93
N ASP F 78 27.22 17.40 6.37
CA ASP F 78 26.37 18.37 7.04
C ASP F 78 25.88 17.81 8.37
N LEU F 79 25.51 16.55 8.39
CA LEU F 79 24.93 15.93 9.57
C LEU F 79 25.96 15.82 10.67
N ARG F 80 27.19 15.42 10.34
CA ARG F 80 28.24 15.21 11.33
C ARG F 80 28.57 16.53 12.02
N LYS F 81 28.49 17.65 11.29
CA LYS F 81 28.68 18.97 11.86
C LYS F 81 27.64 19.23 12.96
N GLU F 82 26.37 19.03 12.63
CA GLU F 82 25.28 19.35 13.56
C GLU F 82 25.32 18.45 14.79
N GLU F 83 25.84 17.24 14.64
CA GLU F 83 25.84 16.30 15.74
C GLU F 83 26.93 16.64 16.75
N ARG F 84 27.91 17.47 16.34
CA ARG F 84 29.00 17.85 17.23
C ARG F 84 28.52 18.95 18.19
N ILE F 85 27.66 19.83 17.71
CA ILE F 85 27.12 20.91 18.51
C ILE F 85 26.35 20.33 19.69
N ARG F 86 26.58 20.89 20.89
CA ARG F 86 25.92 20.42 22.10
C ARG F 86 25.61 21.63 22.99
N GLY F 87 24.53 21.50 23.77
CA GLY F 87 24.00 22.60 24.57
C GLY F 87 22.69 23.13 24.02
N GLU F 88 22.49 24.45 24.15
CA GLU F 88 21.26 25.10 23.73
C GLU F 88 21.25 25.27 22.21
N GLU F 89 22.44 25.34 21.61
CA GLU F 89 22.57 25.63 20.19
C GLU F 89 22.13 24.43 19.34
N ARG F 90 22.16 23.23 19.92
CA ARG F 90 21.89 21.99 19.20
C ARG F 90 20.47 21.98 18.65
N ASP F 91 20.36 21.80 17.32
CA ASP F 91 19.08 21.79 16.62
C ASP F 91 18.68 20.34 16.33
N GLU F 92 17.82 19.78 17.18
CA GLU F 92 17.42 18.39 17.05
C GLU F 92 16.45 18.22 15.88
N GLY F 93 15.74 19.28 15.53
CA GLY F 93 14.84 19.26 14.38
C GLY F 93 15.58 19.10 13.06
N LEU F 94 16.69 19.81 12.92
CA LEU F 94 17.51 19.72 11.72
C LEU F 94 18.20 18.37 11.68
N ILE F 95 18.64 17.88 12.85
CA ILE F 95 19.30 16.59 12.89
C ILE F 95 18.34 15.53 12.40
N LYS F 96 17.08 15.61 12.84
CA LYS F 96 16.08 14.62 12.47
C LYS F 96 15.85 14.65 10.96
N ASP F 97 15.83 15.85 10.37
CA ASP F 97 15.54 16.00 8.95
C ASP F 97 16.70 15.45 8.11
N LEU F 98 17.93 15.78 8.47
CA LEU F 98 19.07 15.29 7.71
C LEU F 98 19.12 13.77 7.74
N ARG F 99 18.77 13.17 8.88
CA ARG F 99 18.80 11.73 8.99
C ARG F 99 17.78 11.12 8.02
N LYS F 100 16.59 11.73 7.91
CA LYS F 100 15.56 11.21 7.02
C LYS F 100 15.95 11.40 5.56
N GLN F 101 16.48 12.56 5.21
CA GLN F 101 16.86 12.82 3.83
C GLN F 101 17.89 11.81 3.35
N ILE F 102 18.74 11.34 4.25
CA ILE F 102 19.78 10.41 3.85
C ILE F 102 19.17 9.04 3.52
N VAL F 103 18.17 8.62 4.28
CA VAL F 103 17.53 7.35 3.98
C VAL F 103 16.71 7.43 2.69
N GLU F 104 16.00 8.53 2.45
CA GLU F 104 15.27 8.72 1.20
C GLU F 104 16.19 8.59 -0.01
N LEU F 105 17.35 9.24 0.02
CA LEU F 105 18.27 9.14 -1.10
C LEU F 105 18.70 7.68 -1.28
N GLN F 106 19.04 7.02 -0.17
CA GLN F 106 19.57 5.67 -0.26
C GLN F 106 18.55 4.77 -0.96
N ARG F 107 17.27 4.92 -0.62
CA ARG F 107 16.26 4.03 -1.19
C ARG F 107 16.07 4.36 -2.67
N THR F 108 16.13 5.63 -3.04
CA THR F 108 16.01 6.02 -4.44
C THR F 108 17.16 5.41 -5.25
N ILE F 109 18.37 5.40 -4.69
CA ILE F 109 19.51 4.85 -5.39
C ILE F 109 19.30 3.36 -5.70
N LEU F 110 18.70 2.60 -4.78
CA LEU F 110 18.42 1.20 -5.06
C LEU F 110 17.47 1.05 -6.26
N ALA F 111 16.46 1.92 -6.35
CA ALA F 111 15.56 1.86 -7.50
C ALA F 111 16.31 2.18 -8.79
N GLN F 112 17.15 3.22 -8.76
CA GLN F 112 17.87 3.64 -9.95
C GLN F 112 18.77 2.50 -10.43
N ARG F 113 19.48 1.83 -9.51
CA ARG F 113 20.38 0.76 -9.89
C ARG F 113 19.61 -0.31 -10.67
N ARG F 114 18.47 -0.71 -10.11
CA ARG F 114 17.67 -1.78 -10.68
C ARG F 114 17.22 -1.41 -12.09
N ASP F 115 16.86 -0.14 -12.28
CA ASP F 115 16.36 0.35 -13.55
C ASP F 115 17.42 0.26 -14.65
N LEU F 116 18.71 0.40 -14.30
CA LEU F 116 19.76 0.35 -15.28
C LEU F 116 20.33 -1.06 -15.44
N GLN F 117 19.80 -2.00 -14.67
CA GLN F 117 20.32 -3.36 -14.67
C GLN F 117 21.81 -3.35 -14.37
N ILE F 118 22.25 -2.57 -13.36
CA ILE F 118 23.61 -2.75 -12.87
C ILE F 118 23.57 -3.22 -11.41
N HIS F 119 22.43 -3.74 -10.98
CA HIS F 119 22.34 -4.36 -9.67
C HIS F 119 22.89 -5.76 -9.78
N SER F 120 23.27 -6.31 -8.63
CA SER F 120 24.08 -7.52 -8.58
C SER F 120 23.39 -8.68 -9.29
N HIS F 121 22.07 -8.80 -9.14
CA HIS F 121 21.34 -9.92 -9.73
C HIS F 121 21.56 -9.97 -11.25
N ALA F 122 21.61 -8.80 -11.89
CA ALA F 122 21.71 -8.72 -13.33
C ALA F 122 23.15 -8.88 -13.79
N THR F 123 24.12 -8.63 -12.90
CA THR F 123 25.53 -8.65 -13.28
C THR F 123 26.25 -9.89 -12.77
N ASN F 124 25.58 -10.70 -11.94
CA ASN F 124 26.13 -11.92 -11.39
C ASN F 124 25.25 -13.10 -11.83
N ASP G 24 18.49 9.36 -37.48
CA ASP G 24 17.17 9.95 -37.82
C ASP G 24 16.24 9.89 -36.60
N THR G 25 15.31 10.85 -36.52
CA THR G 25 14.44 11.00 -35.37
C THR G 25 13.04 11.37 -35.84
N ILE G 26 12.12 11.53 -34.87
CA ILE G 26 10.79 12.05 -35.10
C ILE G 26 10.73 13.44 -34.46
N ASP G 27 9.77 14.26 -34.88
CA ASP G 27 9.59 15.59 -34.31
C ASP G 27 8.42 15.56 -33.34
N PRO G 28 8.51 16.31 -32.22
CA PRO G 28 7.51 16.22 -31.15
C PRO G 28 6.19 16.85 -31.56
N PRO G 29 5.04 16.33 -31.06
CA PRO G 29 3.74 16.92 -31.32
C PRO G 29 3.65 18.36 -30.82
N SER G 30 3.05 19.22 -31.65
CA SER G 30 2.96 20.64 -31.35
C SER G 30 2.07 20.90 -30.14
N HIS G 31 0.95 20.17 -30.05
CA HIS G 31 -0.06 20.41 -29.03
C HIS G 31 0.40 19.98 -27.64
N ALA G 32 1.38 19.08 -27.60
CA ALA G 32 1.83 18.49 -26.36
C ALA G 32 2.56 19.51 -25.48
N GLY G 33 3.32 20.40 -26.12
CA GLY G 33 3.99 21.49 -25.41
C GLY G 33 5.32 21.06 -24.82
N LEU G 34 6.23 20.60 -25.69
CA LEU G 34 7.61 20.35 -25.30
C LEU G 34 8.34 21.68 -25.12
N GLU G 35 8.97 21.86 -23.95
CA GLU G 35 9.72 23.07 -23.67
C GLU G 35 10.98 23.10 -24.53
N LYS G 36 11.46 24.31 -24.86
CA LYS G 36 12.50 24.48 -25.86
C LYS G 36 13.81 23.84 -25.39
N LYS G 37 14.16 24.03 -24.12
CA LYS G 37 15.41 23.51 -23.61
C LYS G 37 15.34 22.02 -23.32
N ALA G 38 14.20 21.39 -23.63
CA ALA G 38 13.99 19.98 -23.36
C ALA G 38 14.34 19.13 -24.58
N GLU G 39 14.61 19.79 -25.72
CA GLU G 39 14.81 19.08 -26.98
C GLU G 39 15.95 18.08 -26.88
N PRO G 40 17.11 18.45 -26.29
CA PRO G 40 18.21 17.50 -26.13
C PRO G 40 17.77 16.19 -25.48
N PHE G 41 16.93 16.29 -24.46
CA PHE G 41 16.42 15.12 -23.76
C PHE G 41 15.48 14.31 -24.66
N TRP G 42 14.60 15.02 -25.39
CA TRP G 42 13.69 14.38 -26.30
C TRP G 42 14.43 13.50 -27.31
N HIS G 43 15.45 14.07 -27.95
CA HIS G 43 16.22 13.37 -28.95
C HIS G 43 16.87 12.12 -28.36
N ASP G 44 17.41 12.21 -27.13
CA ASP G 44 18.04 11.04 -26.55
C ASP G 44 17.05 9.92 -26.34
N ASN G 45 15.83 10.25 -25.87
CA ASN G 45 14.88 9.22 -25.54
C ASN G 45 14.43 8.53 -26.82
N ILE G 46 14.11 9.29 -27.87
CA ILE G 46 13.57 8.71 -29.10
C ILE G 46 14.59 7.77 -29.74
N ARG G 47 15.87 8.10 -29.66
CA ARG G 47 16.90 7.30 -30.32
C ARG G 47 17.10 5.96 -29.60
N SER G 48 16.42 5.73 -28.47
CA SER G 48 16.77 4.58 -27.64
C SER G 48 15.86 3.38 -27.91
N LYS G 49 15.19 3.37 -29.05
CA LYS G 49 14.18 2.35 -29.36
C LYS G 49 13.82 2.52 -30.82
N ALA G 50 13.40 1.45 -31.49
CA ALA G 50 13.28 1.46 -32.94
C ALA G 50 12.22 2.46 -33.41
N LEU G 51 12.53 3.27 -34.43
CA LEU G 51 11.68 4.39 -34.81
C LEU G 51 10.27 3.93 -35.20
N ASP G 52 10.18 2.77 -35.85
CA ASP G 52 8.89 2.24 -36.26
C ASP G 52 8.00 1.98 -35.04
N SER G 53 8.62 1.72 -33.88
CA SER G 53 7.90 1.25 -32.72
C SER G 53 7.29 2.38 -31.89
N TRP G 54 7.50 3.64 -32.28
CA TRP G 54 6.82 4.76 -31.64
C TRP G 54 5.42 4.94 -32.23
N THR G 55 4.37 4.78 -31.41
CA THR G 55 3.01 5.11 -31.79
C THR G 55 2.71 6.58 -31.49
N PRO G 56 1.59 7.14 -31.97
CA PRO G 56 1.20 8.49 -31.58
C PRO G 56 0.98 8.65 -30.09
N ALA G 57 0.50 7.60 -29.43
CA ALA G 57 0.21 7.71 -28.00
C ALA G 57 1.53 7.79 -27.25
N ASP G 58 2.51 7.01 -27.71
CA ASP G 58 3.80 6.98 -27.04
C ASP G 58 4.45 8.35 -27.15
N LEU G 59 4.29 9.03 -28.28
CA LEU G 59 5.01 10.29 -28.46
C LEU G 59 4.47 11.35 -27.51
N LEU G 60 3.16 11.37 -27.26
CA LEU G 60 2.60 12.24 -26.22
C LEU G 60 3.26 11.95 -24.88
N ALA G 61 3.37 10.68 -24.54
CA ALA G 61 3.92 10.29 -23.26
C ALA G 61 5.39 10.67 -23.17
N ALA G 62 6.09 10.65 -24.32
CA ALA G 62 7.51 10.95 -24.32
C ALA G 62 7.75 12.44 -24.09
N VAL G 63 6.77 13.28 -24.41
CA VAL G 63 6.94 14.70 -24.13
C VAL G 63 6.98 14.91 -22.62
N GLU G 64 6.07 14.25 -21.89
CA GLU G 64 6.02 14.42 -20.45
C GLU G 64 7.31 13.94 -19.80
N LEU G 65 7.95 12.93 -20.38
CA LEU G 65 9.17 12.38 -19.80
C LEU G 65 10.28 13.42 -19.97
N ALA G 66 10.36 14.03 -21.15
CA ALA G 66 11.44 14.96 -21.47
C ALA G 66 11.32 16.22 -20.63
N ASN G 67 10.10 16.74 -20.51
CA ASN G 67 9.84 17.90 -19.69
C ASN G 67 10.29 17.64 -18.25
N ASN G 68 10.02 16.45 -17.71
CA ASN G 68 10.40 16.15 -16.34
C ASN G 68 11.91 16.06 -16.21
N GLN G 69 12.60 15.44 -17.20
CA GLN G 69 14.04 15.30 -17.11
C GLN G 69 14.68 16.68 -17.13
N LEU G 70 14.08 17.63 -17.84
CA LEU G 70 14.60 18.98 -17.85
C LEU G 70 14.37 19.61 -16.50
N TYR G 71 13.15 19.47 -15.99
CA TYR G 71 12.76 20.25 -14.83
C TYR G 71 13.59 19.89 -13.60
N ILE G 72 14.17 18.70 -13.54
CA ILE G 72 15.03 18.35 -12.44
C ILE G 72 16.26 19.27 -12.43
N THR G 73 16.82 19.55 -13.61
CA THR G 73 18.02 20.38 -13.66
C THR G 73 17.69 21.79 -13.17
N VAL G 74 16.48 22.26 -13.45
CA VAL G 74 16.04 23.58 -13.02
C VAL G 74 15.91 23.65 -11.51
N LEU G 75 15.26 22.65 -10.89
CA LEU G 75 15.07 22.65 -9.45
C LEU G 75 16.41 22.53 -8.75
N ARG G 76 17.32 21.74 -9.31
CA ARG G 76 18.60 21.54 -8.64
C ARG G 76 19.34 22.87 -8.59
N LYS G 77 19.25 23.68 -9.63
CA LYS G 77 19.86 25.01 -9.63
C LYS G 77 19.25 25.86 -8.52
N ASP G 78 17.94 25.83 -8.39
CA ASP G 78 17.25 26.57 -7.33
C ASP G 78 17.77 26.16 -5.96
N LEU G 79 17.99 24.87 -5.76
CA LEU G 79 18.39 24.35 -4.46
C LEU G 79 19.80 24.82 -4.12
N ARG G 80 20.72 24.79 -5.09
CA ARG G 80 22.11 25.16 -4.84
C ARG G 80 22.20 26.63 -4.42
N LYS G 81 21.32 27.48 -4.96
CA LYS G 81 21.25 28.87 -4.57
C LYS G 81 20.91 28.98 -3.09
N GLU G 82 19.85 28.30 -2.65
CA GLU G 82 19.37 28.42 -1.29
C GLU G 82 20.37 27.86 -0.29
N GLU G 83 21.18 26.90 -0.72
CA GLU G 83 22.11 26.25 0.18
C GLU G 83 23.32 27.16 0.46
N ARG G 84 23.54 28.15 -0.41
CA ARG G 84 24.67 29.07 -0.25
C ARG G 84 24.35 30.12 0.82
N ILE G 85 23.08 30.53 0.88
CA ILE G 85 22.63 31.52 1.85
C ILE G 85 22.83 30.98 3.25
N ARG G 86 23.37 31.82 4.15
CA ARG G 86 23.58 31.47 5.54
C ARG G 86 23.26 32.65 6.44
N GLY G 87 22.86 32.34 7.68
CA GLY G 87 22.41 33.35 8.64
C GLY G 87 20.91 33.27 8.89
N GLU G 88 20.28 34.44 9.09
CA GLU G 88 18.86 34.52 9.37
C GLU G 88 18.05 34.33 8.09
N GLU G 89 18.66 34.65 6.95
CA GLU G 89 17.98 34.63 5.67
C GLU G 89 17.73 33.20 5.20
N ARG G 90 18.53 32.26 5.69
CA ARG G 90 18.49 30.87 5.25
C ARG G 90 17.14 30.24 5.57
N ASP G 91 16.46 29.73 4.53
CA ASP G 91 15.15 29.11 4.66
C ASP G 91 15.31 27.60 4.61
N GLU G 92 15.32 26.96 5.79
CA GLU G 92 15.52 25.52 5.89
C GLU G 92 14.28 24.78 5.42
N GLY G 93 13.11 25.42 5.55
CA GLY G 93 11.87 24.83 5.10
C GLY G 93 11.82 24.67 3.59
N LEU G 94 12.30 25.68 2.86
CA LEU G 94 12.34 25.64 1.42
C LEU G 94 13.39 24.65 0.97
N ILE G 95 14.51 24.59 1.68
CA ILE G 95 15.56 23.65 1.32
C ILE G 95 14.99 22.23 1.42
N LYS G 96 14.24 21.97 2.49
CA LYS G 96 13.67 20.65 2.70
C LYS G 96 12.70 20.30 1.57
N ASP G 97 11.91 21.28 1.13
CA ASP G 97 10.90 21.03 0.10
C ASP G 97 11.55 20.77 -1.25
N LEU G 98 12.56 21.56 -1.62
CA LEU G 98 13.23 21.37 -2.89
C LEU G 98 13.88 19.98 -2.94
N ARG G 99 14.44 19.54 -1.81
CA ARG G 99 15.06 18.23 -1.77
C ARG G 99 14.03 17.15 -2.04
N LYS G 100 12.83 17.27 -1.47
CA LYS G 100 11.79 16.26 -1.66
C LYS G 100 11.25 16.30 -3.07
N GLN G 101 11.02 17.49 -3.62
CA GLN G 101 10.48 17.59 -4.98
C GLN G 101 11.42 16.92 -5.97
N ILE G 102 12.72 16.95 -5.70
CA ILE G 102 13.65 16.38 -6.66
C ILE G 102 13.57 14.85 -6.63
N VAL G 103 13.38 14.27 -5.44
CA VAL G 103 13.24 12.83 -5.36
C VAL G 103 11.92 12.35 -5.99
N GLU G 104 10.82 13.08 -5.77
CA GLU G 104 9.54 12.73 -6.37
C GLU G 104 9.65 12.69 -7.88
N LEU G 105 10.27 13.71 -8.49
CA LEU G 105 10.41 13.70 -9.94
C LEU G 105 11.22 12.49 -10.38
N GLN G 106 12.32 12.21 -9.68
CA GLN G 106 13.20 11.13 -10.09
C GLN G 106 12.42 9.81 -10.13
N ARG G 107 11.59 9.57 -9.11
CA ARG G 107 10.87 8.31 -9.05
C ARG G 107 9.79 8.25 -10.14
N THR G 108 9.16 9.38 -10.45
CA THR G 108 8.19 9.43 -11.52
C THR G 108 8.86 9.10 -12.86
N ILE G 109 10.07 9.61 -13.07
CA ILE G 109 10.78 9.34 -14.31
C ILE G 109 11.03 7.84 -14.47
N LEU G 110 11.36 7.13 -13.38
CA LEU G 110 11.56 5.69 -13.48
C LEU G 110 10.29 5.00 -13.99
N ALA G 111 9.12 5.43 -13.49
CA ALA G 111 7.87 4.83 -13.92
C ALA G 111 7.62 5.12 -15.40
N GLN G 112 7.88 6.38 -15.81
CA GLN G 112 7.63 6.77 -17.18
C GLN G 112 8.50 5.93 -18.12
N ARG G 113 9.77 5.74 -17.77
CA ARG G 113 10.66 4.97 -18.62
C ARG G 113 10.10 3.57 -18.84
N ARG G 114 9.68 2.92 -17.75
CA ARG G 114 9.18 1.55 -17.80
C ARG G 114 7.95 1.47 -18.70
N ASP G 115 7.10 2.50 -18.64
CA ASP G 115 5.87 2.52 -19.40
C ASP G 115 6.13 2.56 -20.90
N LEU G 116 7.24 3.21 -21.32
CA LEU G 116 7.55 3.33 -22.74
C LEU G 116 8.43 2.18 -23.22
N GLN G 117 8.81 1.28 -22.31
CA GLN G 117 9.73 0.21 -22.62
C GLN G 117 11.03 0.79 -23.18
N ILE G 118 11.57 1.84 -22.55
CA ILE G 118 12.91 2.26 -22.87
C ILE G 118 13.81 2.10 -21.65
N HIS G 119 13.39 1.30 -20.67
CA HIS G 119 14.25 0.96 -19.57
C HIS G 119 15.17 -0.18 -20.01
N SER G 120 16.27 -0.33 -19.28
CA SER G 120 17.38 -1.17 -19.71
C SER G 120 16.93 -2.61 -19.95
N HIS G 121 16.05 -3.14 -19.10
CA HIS G 121 15.64 -4.52 -19.22
C HIS G 121 15.03 -4.80 -20.60
N ALA G 122 14.28 -3.83 -21.12
CA ALA G 122 13.58 -3.99 -22.37
C ALA G 122 14.51 -3.76 -23.57
N THR G 123 15.62 -3.04 -23.35
CA THR G 123 16.49 -2.64 -24.45
C THR G 123 17.80 -3.43 -24.46
N ASN G 124 18.08 -4.22 -23.43
CA ASN G 124 19.34 -4.93 -23.32
C ASN G 124 19.20 -6.33 -23.93
N VAL H 23 -13.52 6.77 -40.98
CA VAL H 23 -12.37 7.11 -41.88
C VAL H 23 -11.08 6.75 -41.14
N ASP H 24 -10.35 7.75 -40.66
CA ASP H 24 -9.12 7.58 -39.91
C ASP H 24 -9.43 7.24 -38.44
N THR H 25 -10.51 7.84 -37.92
CA THR H 25 -10.73 7.97 -36.48
C THR H 25 -12.19 7.76 -36.14
N ILE H 26 -12.51 7.88 -34.86
CA ILE H 26 -13.86 7.82 -34.32
C ILE H 26 -14.20 9.21 -33.79
N ASP H 27 -15.48 9.49 -33.57
CA ASP H 27 -15.88 10.74 -32.94
C ASP H 27 -16.23 10.48 -31.47
N PRO H 28 -15.87 11.39 -30.55
CA PRO H 28 -16.08 11.18 -29.12
C PRO H 28 -17.56 11.23 -28.74
N PRO H 29 -18.00 10.46 -27.73
CA PRO H 29 -19.37 10.53 -27.22
C PRO H 29 -19.73 11.93 -26.72
N SER H 30 -20.94 12.38 -27.07
CA SER H 30 -21.39 13.72 -26.75
C SER H 30 -21.54 13.90 -25.24
N HIS H 31 -22.09 12.90 -24.56
CA HIS H 31 -22.45 13.03 -23.15
C HIS H 31 -21.21 13.03 -22.26
N ALA H 32 -20.10 12.50 -22.78
CA ALA H 32 -18.88 12.33 -21.99
C ALA H 32 -18.26 13.68 -21.65
N GLY H 33 -18.33 14.63 -22.58
CA GLY H 33 -17.85 15.98 -22.33
C GLY H 33 -16.35 16.12 -22.58
N LEU H 34 -15.91 15.82 -23.81
CA LEU H 34 -14.56 16.13 -24.25
C LEU H 34 -14.41 17.63 -24.47
N GLU H 35 -13.40 18.24 -23.81
CA GLU H 35 -13.15 19.66 -23.94
C GLU H 35 -12.59 19.94 -25.35
N LYS H 36 -12.83 21.15 -25.86
CA LYS H 36 -12.62 21.46 -27.26
C LYS H 36 -11.15 21.34 -27.64
N LYS H 37 -10.27 21.86 -26.77
CA LYS H 37 -8.85 21.91 -27.05
C LYS H 37 -8.21 20.55 -26.80
N ALA H 38 -9.02 19.54 -26.43
CA ALA H 38 -8.49 18.22 -26.13
C ALA H 38 -8.53 17.31 -27.36
N GLU H 39 -9.17 17.78 -28.44
CA GLU H 39 -9.39 16.98 -29.63
C GLU H 39 -8.07 16.46 -30.20
N PRO H 40 -7.02 17.28 -30.34
CA PRO H 40 -5.74 16.80 -30.85
C PRO H 40 -5.23 15.57 -30.09
N PHE H 41 -5.41 15.59 -28.76
CA PHE H 41 -4.98 14.48 -27.93
C PHE H 41 -5.85 13.25 -28.18
N TRP H 42 -7.16 13.46 -28.27
CA TRP H 42 -8.11 12.39 -28.56
C TRP H 42 -7.71 11.63 -29.82
N HIS H 43 -7.46 12.38 -30.90
CA HIS H 43 -7.10 11.79 -32.17
C HIS H 43 -5.84 10.94 -32.05
N ASP H 44 -4.84 11.42 -31.32
CA ASP H 44 -3.60 10.67 -31.18
C ASP H 44 -3.86 9.34 -30.46
N ASN H 45 -4.68 9.36 -29.43
CA ASN H 45 -4.87 8.15 -28.64
C ASN H 45 -5.64 7.11 -29.47
N ILE H 46 -6.70 7.53 -30.17
CA ILE H 46 -7.53 6.59 -30.92
C ILE H 46 -6.70 5.91 -32.02
N ARG H 47 -5.77 6.63 -32.64
CA ARG H 47 -5.00 6.08 -33.73
C ARG H 47 -4.00 5.04 -33.24
N SER H 48 -3.89 4.82 -31.93
CA SER H 48 -2.80 4.01 -31.40
C SER H 48 -3.19 2.56 -31.17
N LYS H 49 -4.29 2.12 -31.80
CA LYS H 49 -4.81 0.78 -31.60
C LYS H 49 -5.93 0.59 -32.63
N ALA H 50 -6.19 -0.67 -33.04
CA ALA H 50 -7.03 -0.93 -34.19
C ALA H 50 -8.46 -0.42 -33.98
N LEU H 51 -9.03 0.26 -34.98
CA LEU H 51 -10.29 0.96 -34.82
C LEU H 51 -11.43 0.02 -34.41
N ASP H 52 -11.41 -1.20 -34.93
CA ASP H 52 -12.45 -2.17 -34.62
C ASP H 52 -12.43 -2.50 -33.12
N SER H 53 -11.26 -2.33 -32.48
CA SER H 53 -11.06 -2.82 -31.12
C SER H 53 -11.53 -1.83 -30.06
N TRP H 54 -12.01 -0.65 -30.46
CA TRP H 54 -12.61 0.28 -29.52
C TRP H 54 -14.07 -0.07 -29.23
N THR H 55 -14.40 -0.43 -27.98
CA THR H 55 -15.78 -0.62 -27.56
C THR H 55 -16.41 0.70 -27.11
N PRO H 56 -17.74 0.77 -26.89
CA PRO H 56 -18.34 1.96 -26.30
C PRO H 56 -17.82 2.28 -24.90
N ALA H 57 -17.46 1.26 -24.12
CA ALA H 57 -16.97 1.52 -22.78
C ALA H 57 -15.60 2.16 -22.87
N ASP H 58 -14.78 1.68 -23.81
CA ASP H 58 -13.44 2.20 -23.95
C ASP H 58 -13.50 3.66 -24.36
N LEU H 59 -14.46 4.04 -25.20
CA LEU H 59 -14.46 5.40 -25.71
C LEU H 59 -14.76 6.38 -24.59
N LEU H 60 -15.66 6.02 -23.66
CA LEU H 60 -15.89 6.84 -22.47
C LEU H 60 -14.58 7.03 -21.71
N ALA H 61 -13.85 5.94 -21.51
CA ALA H 61 -12.62 5.99 -20.76
C ALA H 61 -11.57 6.85 -21.48
N ALA H 62 -11.61 6.84 -22.81
CA ALA H 62 -10.63 7.57 -23.58
C ALA H 62 -10.88 9.08 -23.49
N VAL H 63 -12.12 9.49 -23.20
CA VAL H 63 -12.37 10.91 -23.03
C VAL H 63 -11.65 11.40 -21.77
N GLU H 64 -11.73 10.63 -20.68
CA GLU H 64 -11.08 11.01 -19.45
C GLU H 64 -9.57 11.11 -19.63
N LEU H 65 -9.00 10.27 -20.49
CA LEU H 65 -7.56 10.28 -20.72
C LEU H 65 -7.18 11.58 -21.44
N ALA H 66 -7.96 11.96 -22.44
CA ALA H 66 -7.64 13.09 -23.29
C ALA H 66 -7.79 14.39 -22.49
N ASN H 67 -8.84 14.48 -21.69
CA ASN H 67 -9.03 15.64 -20.84
C ASN H 67 -7.84 15.81 -19.90
N ASN H 68 -7.31 14.72 -19.34
CA ASN H 68 -6.18 14.82 -18.43
C ASN H 68 -4.91 15.25 -19.16
N GLN H 69 -4.68 14.73 -20.37
CA GLN H 69 -3.49 15.10 -21.12
C GLN H 69 -3.55 16.59 -21.46
N LEU H 70 -4.76 17.13 -21.67
CA LEU H 70 -4.90 18.56 -21.89
C LEU H 70 -4.60 19.30 -20.62
N TYR H 71 -5.18 18.85 -19.52
CA TYR H 71 -5.16 19.62 -18.30
C TYR H 71 -3.75 19.81 -17.78
N ILE H 72 -2.82 18.91 -18.11
CA ILE H 72 -1.45 19.08 -17.68
C ILE H 72 -0.87 20.35 -18.31
N THR H 73 -1.18 20.60 -19.57
CA THR H 73 -0.63 21.77 -20.24
C THR H 73 -1.15 23.05 -19.58
N VAL H 74 -2.38 23.02 -19.12
CA VAL H 74 -3.00 24.15 -18.46
C VAL H 74 -2.32 24.45 -17.11
N LEU H 75 -2.12 23.41 -16.29
CA LEU H 75 -1.49 23.59 -14.99
C LEU H 75 -0.05 24.04 -15.16
N ARG H 76 0.64 23.51 -16.17
CA ARG H 76 2.03 23.86 -16.33
C ARG H 76 2.14 25.35 -16.60
N LYS H 77 1.21 25.91 -17.40
CA LYS H 77 1.21 27.33 -17.67
C LYS H 77 1.03 28.10 -16.37
N ASP H 78 0.08 27.68 -15.53
CA ASP H 78 -0.18 28.34 -14.27
C ASP H 78 1.09 28.36 -13.40
N LEU H 79 1.83 27.25 -13.40
CA LEU H 79 2.97 27.14 -12.52
C LEU H 79 4.09 28.08 -12.98
N ARG H 80 4.33 28.16 -14.29
CA ARG H 80 5.42 28.97 -14.81
C ARG H 80 5.17 30.45 -14.51
N LYS H 81 3.90 30.87 -14.49
CA LYS H 81 3.55 32.22 -14.11
C LYS H 81 3.99 32.50 -12.68
N GLU H 82 3.62 31.63 -11.75
CA GLU H 82 3.90 31.86 -10.34
C GLU H 82 5.41 31.85 -10.07
N GLU H 83 6.17 31.11 -10.87
CA GLU H 83 7.58 30.97 -10.63
C GLU H 83 8.33 32.23 -11.07
N ARG H 84 7.71 33.07 -11.90
CA ARG H 84 8.33 34.29 -12.38
C ARG H 84 8.24 35.38 -11.32
N ILE H 85 7.15 35.39 -10.55
CA ILE H 85 6.95 36.36 -9.49
C ILE H 85 8.04 36.19 -8.44
N ARG H 86 8.63 37.30 -7.99
CA ARG H 86 9.67 37.29 -6.99
C ARG H 86 9.47 38.47 -6.03
N GLY H 87 9.90 38.28 -4.78
CA GLY H 87 9.66 39.23 -3.71
C GLY H 87 8.63 38.72 -2.70
N GLU H 88 7.84 39.66 -2.16
CA GLU H 88 6.87 39.36 -1.12
C GLU H 88 5.64 38.67 -1.72
N GLU H 89 5.37 38.96 -3.00
CA GLU H 89 4.16 38.49 -3.65
C GLU H 89 4.24 36.99 -3.94
N ARG H 90 5.45 36.43 -4.00
CA ARG H 90 5.68 35.05 -4.38
C ARG H 90 5.04 34.10 -3.36
N ASP H 91 4.15 33.22 -3.86
CA ASP H 91 3.43 32.27 -3.02
C ASP H 91 4.07 30.90 -3.17
N GLU H 92 4.93 30.53 -2.19
CA GLU H 92 5.66 29.27 -2.26
C GLU H 92 4.73 28.09 -1.99
N GLY H 93 3.66 28.35 -1.22
CA GLY H 93 2.66 27.32 -0.94
C GLY H 93 1.91 26.87 -2.18
N LEU H 94 1.54 27.84 -3.02
CA LEU H 94 0.84 27.55 -4.26
C LEU H 94 1.79 26.87 -5.24
N ILE H 95 3.05 27.32 -5.25
CA ILE H 95 4.02 26.71 -6.14
C ILE H 95 4.15 25.23 -5.78
N LYS H 96 4.22 24.93 -4.49
CA LYS H 96 4.37 23.56 -4.02
C LYS H 96 3.17 22.72 -4.45
N ASP H 97 1.97 23.29 -4.39
CA ASP H 97 0.76 22.55 -4.71
C ASP H 97 0.69 22.26 -6.19
N LEU H 98 0.98 23.25 -7.03
CA LEU H 98 0.92 23.04 -8.47
C LEU H 98 1.91 21.96 -8.89
N ARG H 99 3.08 21.93 -8.25
CA ARG H 99 4.08 20.93 -8.58
C ARG H 99 3.54 19.54 -8.28
N LYS H 100 2.85 19.38 -7.13
CA LYS H 100 2.32 18.07 -6.77
C LYS H 100 1.15 17.68 -7.66
N GLN H 101 0.26 18.60 -7.98
CA GLN H 101 -0.88 18.28 -8.82
C GLN H 101 -0.40 17.77 -10.18
N ILE H 102 0.74 18.26 -10.66
CA ILE H 102 1.20 17.85 -11.97
C ILE H 102 1.72 16.41 -11.92
N VAL H 103 2.38 16.03 -10.83
CA VAL H 103 2.85 14.67 -10.71
C VAL H 103 1.69 13.69 -10.58
N GLU H 104 0.66 14.04 -9.80
CA GLU H 104 -0.50 13.19 -9.64
C GLU H 104 -1.15 12.93 -10.98
N LEU H 105 -1.36 13.96 -11.79
CA LEU H 105 -1.95 13.74 -13.11
C LEU H 105 -1.08 12.79 -13.94
N GLN H 106 0.22 13.01 -13.94
CA GLN H 106 1.10 12.22 -14.78
C GLN H 106 0.96 10.74 -14.40
N ARG H 107 0.91 10.43 -13.10
CA ARG H 107 0.82 9.04 -12.69
C ARG H 107 -0.55 8.44 -13.04
N THR H 108 -1.61 9.25 -12.94
CA THR H 108 -2.92 8.81 -13.33
C THR H 108 -2.96 8.47 -14.81
N ILE H 109 -2.30 9.27 -15.63
CA ILE H 109 -2.27 9.04 -17.05
C ILE H 109 -1.65 7.69 -17.37
N LEU H 110 -0.59 7.30 -16.66
CA LEU H 110 0.01 5.98 -16.89
C LEU H 110 -1.00 4.87 -16.63
N ALA H 111 -1.80 5.00 -15.57
CA ALA H 111 -2.80 3.99 -15.27
C ALA H 111 -3.86 3.94 -16.37
N GLN H 112 -4.31 5.11 -16.82
CA GLN H 112 -5.34 5.16 -17.83
C GLN H 112 -4.85 4.49 -19.12
N ARG H 113 -3.61 4.76 -19.53
CA ARG H 113 -3.08 4.16 -20.73
C ARG H 113 -3.12 2.64 -20.63
N ARG H 114 -2.68 2.10 -19.49
CA ARG H 114 -2.62 0.68 -19.25
C ARG H 114 -4.01 0.05 -19.38
N ASP H 115 -5.01 0.76 -18.87
CA ASP H 115 -6.37 0.27 -18.84
C ASP H 115 -6.93 0.11 -20.25
N LEU H 116 -6.48 0.95 -21.20
CA LEU H 116 -6.98 0.87 -22.56
C LEU H 116 -6.10 -0.01 -23.44
N GLN H 117 -5.03 -0.57 -22.86
CA GLN H 117 -4.06 -1.32 -23.62
C GLN H 117 -3.53 -0.49 -24.79
N ILE H 118 -3.19 0.78 -24.55
CA ILE H 118 -2.44 1.53 -25.53
C ILE H 118 -1.09 1.92 -24.97
N HIS H 119 -0.66 1.24 -23.90
CA HIS H 119 0.70 1.42 -23.41
C HIS H 119 1.63 0.56 -24.26
N SER H 120 2.91 0.89 -24.20
CA SER H 120 3.89 0.38 -25.15
C SER H 120 3.96 -1.14 -25.12
N HIS H 121 3.86 -1.73 -23.93
CA HIS H 121 3.98 -3.18 -23.81
C HIS H 121 2.94 -3.89 -24.67
N ALA H 122 1.72 -3.32 -24.73
CA ALA H 122 0.63 -3.95 -25.45
C ALA H 122 0.70 -3.67 -26.94
N THR H 123 1.42 -2.61 -27.34
CA THR H 123 1.43 -2.19 -28.73
C THR H 123 2.76 -2.51 -29.41
N ASN H 124 3.75 -2.99 -28.65
CA ASN H 124 5.09 -3.23 -29.16
C ASN H 124 5.73 -1.90 -29.56
N ASP I 24 -29.97 -3.98 -28.59
CA ASP I 24 -30.79 -4.33 -27.39
C ASP I 24 -29.98 -4.07 -26.12
N THR I 25 -30.69 -3.77 -25.03
CA THR I 25 -30.08 -3.45 -23.75
C THR I 25 -30.89 -4.06 -22.62
N ILE I 26 -30.42 -3.83 -21.39
CA ILE I 26 -31.10 -4.23 -20.18
C ILE I 26 -31.60 -2.97 -19.48
N ASP I 27 -32.57 -3.11 -18.56
CA ASP I 27 -33.05 -1.97 -17.79
C ASP I 27 -32.47 -2.05 -16.38
N PRO I 28 -32.10 -0.90 -15.78
CA PRO I 28 -31.41 -0.90 -14.49
C PRO I 28 -32.35 -1.27 -13.35
N PRO I 29 -31.85 -1.92 -12.28
CA PRO I 29 -32.64 -2.20 -11.08
C PRO I 29 -33.20 -0.92 -10.43
N SER I 30 -34.47 -0.98 -10.03
CA SER I 30 -35.17 0.18 -9.49
C SER I 30 -34.57 0.62 -8.16
N HIS I 31 -34.24 -0.36 -7.30
CA HIS I 31 -33.81 -0.05 -5.93
C HIS I 31 -32.40 0.52 -5.90
N ALA I 32 -31.63 0.28 -6.96
CA ALA I 32 -30.23 0.66 -7.02
C ALA I 32 -30.06 2.17 -7.04
N GLY I 33 -30.97 2.86 -7.76
CA GLY I 33 -30.95 4.32 -7.76
C GLY I 33 -29.97 4.88 -8.79
N LEU I 34 -30.17 4.51 -10.06
CA LEU I 34 -29.49 5.14 -11.17
C LEU I 34 -30.07 6.52 -11.39
N GLU I 35 -29.20 7.55 -11.42
CA GLU I 35 -29.63 8.92 -11.61
C GLU I 35 -30.08 9.09 -13.06
N LYS I 36 -31.01 10.03 -13.31
CA LYS I 36 -31.70 10.10 -14.58
C LYS I 36 -30.74 10.44 -15.72
N LYS I 37 -29.84 11.37 -15.47
CA LYS I 37 -28.92 11.84 -16.48
C LYS I 37 -27.78 10.84 -16.70
N ALA I 38 -27.81 9.71 -15.98
CA ALA I 38 -26.75 8.72 -16.07
C ALA I 38 -27.09 7.64 -17.10
N GLU I 39 -28.33 7.65 -17.61
CA GLU I 39 -28.82 6.60 -18.49
C GLU I 39 -27.94 6.44 -19.72
N PRO I 40 -27.52 7.54 -20.39
CA PRO I 40 -26.63 7.43 -21.54
C PRO I 40 -25.39 6.60 -21.24
N PHE I 41 -24.82 6.79 -20.05
CA PHE I 41 -23.64 6.06 -19.63
C PHE I 41 -23.96 4.60 -19.39
N TRP I 42 -25.10 4.34 -18.73
CA TRP I 42 -25.55 2.99 -18.48
C TRP I 42 -25.64 2.19 -19.78
N HIS I 43 -26.30 2.75 -20.78
CA HIS I 43 -26.46 2.08 -22.06
C HIS I 43 -25.11 1.77 -22.69
N ASP I 44 -24.15 2.69 -22.63
CA ASP I 44 -22.85 2.44 -23.23
C ASP I 44 -22.15 1.28 -22.54
N ASN I 45 -22.25 1.20 -21.21
CA ASN I 45 -21.52 0.15 -20.50
C ASN I 45 -22.13 -1.19 -20.81
N ILE I 46 -23.46 -1.31 -20.80
CA ILE I 46 -24.11 -2.59 -21.00
C ILE I 46 -23.80 -3.13 -22.38
N ARG I 47 -23.70 -2.26 -23.39
CA ARG I 47 -23.48 -2.69 -24.75
C ARG I 47 -22.07 -3.24 -24.94
N SER I 48 -21.20 -3.17 -23.93
CA SER I 48 -19.79 -3.45 -24.13
C SER I 48 -19.42 -4.89 -23.82
N LYS I 49 -20.43 -5.76 -23.71
CA LYS I 49 -20.21 -7.16 -23.34
C LYS I 49 -21.52 -7.90 -23.56
N ALA I 50 -21.45 -9.22 -23.81
CA ALA I 50 -22.60 -9.96 -24.31
C ALA I 50 -23.75 -9.94 -23.31
N LEU I 51 -24.97 -9.70 -23.79
CA LEU I 51 -26.11 -9.42 -22.89
C LEU I 51 -26.40 -10.60 -21.97
N ASP I 52 -26.19 -11.83 -22.45
CA ASP I 52 -26.42 -13.01 -21.64
C ASP I 52 -25.48 -13.02 -20.43
N SER I 53 -24.33 -12.36 -20.55
CA SER I 53 -23.26 -12.49 -19.57
C SER I 53 -23.42 -11.53 -18.40
N TRP I 54 -24.46 -10.68 -18.41
CA TRP I 54 -24.76 -9.85 -17.26
C TRP I 54 -25.58 -10.62 -16.22
N THR I 55 -25.02 -10.82 -15.02
CA THR I 55 -25.75 -11.41 -13.91
C THR I 55 -26.50 -10.34 -13.12
N PRO I 56 -27.41 -10.70 -12.20
CA PRO I 56 -28.02 -9.71 -11.32
C PRO I 56 -27.02 -8.96 -10.45
N ALA I 57 -25.94 -9.63 -10.05
CA ALA I 57 -24.98 -8.97 -9.18
C ALA I 57 -24.23 -7.91 -9.99
N ASP I 58 -23.92 -8.25 -11.24
CA ASP I 58 -23.19 -7.34 -12.10
C ASP I 58 -24.02 -6.09 -12.35
N LEU I 59 -25.36 -6.23 -12.48
CA LEU I 59 -26.15 -5.07 -12.86
C LEU I 59 -26.16 -4.06 -11.72
N LEU I 60 -26.20 -4.53 -10.47
CA LEU I 60 -26.08 -3.65 -9.31
C LEU I 60 -24.78 -2.85 -9.42
N ALA I 61 -23.69 -3.58 -9.70
CA ALA I 61 -22.38 -2.97 -9.76
C ALA I 61 -22.30 -1.97 -10.89
N ALA I 62 -23.03 -2.22 -11.98
CA ALA I 62 -22.96 -1.35 -13.14
C ALA I 62 -23.68 -0.04 -12.86
N VAL I 63 -24.61 -0.02 -11.93
CA VAL I 63 -25.25 1.25 -11.58
C VAL I 63 -24.22 2.17 -10.93
N GLU I 64 -23.40 1.62 -10.02
CA GLU I 64 -22.39 2.44 -9.35
C GLU I 64 -21.38 2.99 -10.35
N LEU I 65 -21.08 2.24 -11.41
CA LEU I 65 -20.12 2.68 -12.39
C LEU I 65 -20.69 3.87 -13.16
N ALA I 66 -21.97 3.77 -13.55
CA ALA I 66 -22.59 4.77 -14.39
C ALA I 66 -22.75 6.07 -13.62
N ASN I 67 -23.18 5.96 -12.36
CA ASN I 67 -23.31 7.13 -11.52
C ASN I 67 -21.98 7.85 -11.40
N ASN I 68 -20.87 7.12 -11.26
CA ASN I 68 -19.56 7.76 -11.12
C ASN I 68 -19.15 8.43 -12.43
N GLN I 69 -19.42 7.81 -13.58
CA GLN I 69 -19.02 8.41 -14.84
C GLN I 69 -19.83 9.70 -15.06
N LEU I 70 -21.06 9.76 -14.55
CA LEU I 70 -21.81 10.99 -14.60
C LEU I 70 -21.20 12.02 -13.67
N TYR I 71 -20.89 11.61 -12.45
CA TYR I 71 -20.52 12.53 -11.40
C TYR I 71 -19.24 13.26 -11.73
N ILE I 72 -18.38 12.67 -12.56
CA ILE I 72 -17.16 13.38 -12.95
C ILE I 72 -17.52 14.63 -13.73
N THR I 73 -18.51 14.53 -14.61
CA THR I 73 -18.86 15.67 -15.45
C THR I 73 -19.39 16.81 -14.58
N VAL I 74 -20.09 16.46 -13.51
CA VAL I 74 -20.66 17.44 -12.60
C VAL I 74 -19.55 18.17 -11.84
N LEU I 75 -18.58 17.44 -11.29
CA LEU I 75 -17.51 18.05 -10.52
C LEU I 75 -16.64 18.91 -11.44
N ARG I 76 -16.42 18.47 -12.66
CA ARG I 76 -15.56 19.23 -13.53
C ARG I 76 -16.19 20.59 -13.82
N LYS I 77 -17.52 20.63 -13.97
CA LYS I 77 -18.21 21.90 -14.15
C LYS I 77 -18.00 22.80 -12.96
N ASP I 78 -18.14 22.24 -11.75
CA ASP I 78 -17.93 23.00 -10.52
C ASP I 78 -16.54 23.61 -10.49
N LEU I 79 -15.54 22.85 -10.94
CA LEU I 79 -14.16 23.27 -10.85
C LEU I 79 -13.91 24.44 -11.78
N ARG I 80 -14.42 24.36 -13.01
CA ARG I 80 -14.18 25.39 -14.01
C ARG I 80 -14.78 26.74 -13.55
N LYS I 81 -15.90 26.69 -12.83
CA LYS I 81 -16.49 27.88 -12.24
C LYS I 81 -15.51 28.54 -11.27
N GLU I 82 -14.97 27.77 -10.33
CA GLU I 82 -14.11 28.32 -9.29
C GLU I 82 -12.81 28.86 -9.88
N GLU I 83 -12.38 28.30 -10.99
CA GLU I 83 -11.10 28.69 -11.57
C GLU I 83 -11.23 30.04 -12.28
N ARG I 84 -12.46 30.44 -12.61
CA ARG I 84 -12.69 31.71 -13.30
C ARG I 84 -12.59 32.87 -12.32
N ILE I 85 -13.04 32.64 -11.08
CA ILE I 85 -13.01 33.66 -10.04
C ILE I 85 -11.57 34.05 -9.75
N ARG I 86 -11.31 35.36 -9.66
CA ARG I 86 -9.98 35.86 -9.37
C ARG I 86 -10.08 37.07 -8.43
N GLY I 87 -9.02 37.25 -7.63
CA GLY I 87 -8.99 38.27 -6.60
C GLY I 87 -9.07 37.67 -5.19
N GLU I 88 -9.75 38.36 -4.28
CA GLU I 88 -9.85 37.94 -2.90
C GLU I 88 -10.88 36.81 -2.77
N GLU I 89 -11.84 36.76 -3.70
CA GLU I 89 -12.94 35.82 -3.62
C GLU I 89 -12.48 34.40 -3.94
N ARG I 90 -11.36 34.28 -4.67
CA ARG I 90 -10.86 33.00 -5.16
C ARG I 90 -10.52 32.06 -3.99
N ASP I 91 -11.15 30.87 -3.99
CA ASP I 91 -10.96 29.89 -2.94
C ASP I 91 -10.03 28.79 -3.43
N GLU I 92 -8.74 28.90 -3.07
CA GLU I 92 -7.73 27.96 -3.54
C GLU I 92 -7.88 26.63 -2.81
N GLY I 93 -8.43 26.65 -1.60
CA GLY I 93 -8.69 25.43 -0.85
C GLY I 93 -9.73 24.54 -1.51
N LEU I 94 -10.79 25.15 -2.01
CA LEU I 94 -11.84 24.42 -2.71
C LEU I 94 -11.32 23.93 -4.05
N ILE I 95 -10.51 24.75 -4.71
CA ILE I 95 -9.96 24.36 -5.98
C ILE I 95 -9.12 23.11 -5.79
N LYS I 96 -8.32 23.09 -4.73
CA LYS I 96 -7.44 21.96 -4.45
C LYS I 96 -8.27 20.69 -4.22
N ASP I 97 -9.41 20.83 -3.51
CA ASP I 97 -10.21 19.69 -3.15
C ASP I 97 -10.90 19.11 -4.38
N LEU I 98 -11.47 19.98 -5.22
CA LEU I 98 -12.14 19.49 -6.41
C LEU I 98 -11.16 18.76 -7.32
N ARG I 99 -9.92 19.25 -7.41
CA ARG I 99 -8.93 18.60 -8.25
C ARG I 99 -8.65 17.18 -7.73
N LYS I 100 -8.55 17.02 -6.40
CA LYS I 100 -8.27 15.71 -5.84
C LYS I 100 -9.47 14.77 -5.99
N GLN I 101 -10.69 15.27 -5.76
CA GLN I 101 -11.86 14.44 -5.87
C GLN I 101 -11.97 13.88 -7.28
N ILE I 102 -11.52 14.63 -8.28
CA ILE I 102 -11.67 14.17 -9.65
C ILE I 102 -10.72 13.02 -9.93
N VAL I 103 -9.52 13.07 -9.37
CA VAL I 103 -8.57 11.97 -9.58
C VAL I 103 -9.03 10.71 -8.86
N GLU I 104 -9.54 10.85 -7.63
CA GLU I 104 -10.05 9.69 -6.88
C GLU I 104 -11.16 8.99 -7.67
N LEU I 105 -12.12 9.74 -8.22
CA LEU I 105 -13.17 9.12 -9.00
C LEU I 105 -12.57 8.36 -10.19
N GLN I 106 -11.66 9.01 -10.90
CA GLN I 106 -11.11 8.43 -12.11
C GLN I 106 -10.47 7.08 -11.79
N ARG I 107 -9.73 7.01 -10.68
CA ARG I 107 -9.04 5.77 -10.35
C ARG I 107 -10.03 4.69 -9.96
N THR I 108 -11.09 5.07 -9.24
CA THR I 108 -12.12 4.12 -8.85
C THR I 108 -12.78 3.54 -10.08
N ILE I 109 -13.03 4.38 -11.09
CA ILE I 109 -13.69 3.91 -12.30
C ILE I 109 -12.85 2.83 -12.99
N LEU I 110 -11.53 2.97 -13.01
CA LEU I 110 -10.69 1.92 -13.60
C LEU I 110 -10.86 0.59 -12.84
N ALA I 111 -10.96 0.62 -11.52
CA ALA I 111 -11.18 -0.60 -10.76
C ALA I 111 -12.55 -1.20 -11.07
N GLN I 112 -13.57 -0.36 -11.16
CA GLN I 112 -14.92 -0.82 -11.45
C GLN I 112 -14.95 -1.50 -12.80
N ARG I 113 -14.30 -0.91 -13.82
CA ARG I 113 -14.29 -1.48 -15.16
C ARG I 113 -13.73 -2.90 -15.09
N ARG I 114 -12.59 -3.05 -14.41
CA ARG I 114 -11.91 -4.33 -14.31
C ARG I 114 -12.81 -5.38 -13.68
N ASP I 115 -13.56 -4.96 -12.67
CA ASP I 115 -14.42 -5.85 -11.92
C ASP I 115 -15.54 -6.42 -12.78
N LEU I 116 -16.01 -5.65 -13.76
CA LEU I 116 -17.09 -6.09 -14.62
C LEU I 116 -16.57 -6.77 -15.89
N GLN I 117 -15.24 -6.85 -16.04
CA GLN I 117 -14.65 -7.39 -17.23
C GLN I 117 -15.14 -6.64 -18.46
N ILE I 118 -15.21 -5.30 -18.41
CA ILE I 118 -15.42 -4.53 -19.61
C ILE I 118 -14.20 -3.64 -19.88
N HIS I 119 -13.08 -3.98 -19.27
CA HIS I 119 -11.83 -3.31 -19.60
C HIS I 119 -11.27 -3.95 -20.87
N SER I 120 -10.37 -3.22 -21.52
CA SER I 120 -9.95 -3.54 -22.87
C SER I 120 -9.35 -4.94 -22.95
N HIS I 121 -8.58 -5.34 -21.93
CA HIS I 121 -7.91 -6.63 -21.97
C HIS I 121 -8.91 -7.76 -22.15
N ALA I 122 -10.08 -7.63 -21.51
CA ALA I 122 -11.07 -8.68 -21.51
C ALA I 122 -11.92 -8.63 -22.78
N THR I 123 -11.97 -7.48 -23.45
CA THR I 123 -12.84 -7.29 -24.59
C THR I 123 -12.10 -7.28 -25.92
N ASN I 124 -10.75 -7.25 -25.90
CA ASN I 124 -9.98 -7.13 -27.13
C ASN I 124 -9.62 -8.53 -27.66
#